data_8HKD
#
_entry.id   8HKD
#
_cell.length_a   126.843
_cell.length_b   126.843
_cell.length_c   146.543
_cell.angle_alpha   90.00
_cell.angle_beta   90.00
_cell.angle_gamma   120.00
#
_symmetry.space_group_name_H-M   'P 3 2 1'
#
loop_
_entity.id
_entity.type
_entity.pdbx_description
1 polymer 'Fatty-acid peroxygenase'
2 non-polymer 'PROTOPORPHYRIN IX CONTAINING FE'
3 non-polymer 'PALMITOLEIC ACID'
4 non-polymer DI(HYDROXYETHYL)ETHER
5 water water
#
_entity_poly.entity_id   1
_entity_poly.type   'polypeptide(L)'
_entity_poly.pdbx_seq_one_letter_code
;MDEQIPHDKSLDNSLTLLKEGYLFIKNRTERYNSDLFQARLLGKNFICMTGAEAAKVFYDTDRFQRQNALPKRVQKSGFG
VNAIFGMDGSAHIHRKMLFLSLMTPPHQKRLAELMTEEWKAAVTRWEKADEVVLFEEAKEILCRVACYWAGVPLKETEVK
ERADDFIDMVDASGAVGPRHWKGRRARPRAEEWIEVMIEDARAGLLKTTSGTALHEMAFHTQEDGSQLDSRMAAIELINV
LRPIVAISYFLVFSALALHEHPKYKEWLRSGNSREREMFVQEVRRYYPFIPFLGALVKKDFVWNNCEFKKGTSVLLDLYG
TNHDPRLWDHPDEFRPERFAEREENLFDMIPQGGGHAEKGHRCPGEGITIEVMKASLDFLVHQIEYDVPEQSLHYSLARM
PSLPESGFVMSGIRRKSLEHHHHHH
;
_entity_poly.pdbx_strand_id   A,B
#
loop_
_chem_comp.id
_chem_comp.type
_chem_comp.name
_chem_comp.formula
HEM non-polymer 'PROTOPORPHYRIN IX CONTAINING FE' 'C34 H32 Fe N4 O4'
PAM non-polymer 'PALMITOLEIC ACID' 'C16 H30 O2'
PEG non-polymer DI(HYDROXYETHYL)ETHER 'C4 H10 O3'
#
# COMPACT_ATOMS: atom_id res chain seq x y z
N ASP A 12 8.58 31.43 -5.27
CA ASP A 12 9.15 30.40 -4.41
C ASP A 12 8.74 28.98 -4.89
N ASN A 13 9.74 28.11 -5.02
CA ASN A 13 9.55 26.74 -5.49
C ASN A 13 9.85 25.70 -4.41
N SER A 14 9.70 26.06 -3.14
CA SER A 14 9.88 25.08 -2.08
C SER A 14 8.81 24.00 -2.17
N LEU A 15 7.56 24.41 -2.43
CA LEU A 15 6.51 23.44 -2.71
C LEU A 15 6.88 22.55 -3.88
N THR A 16 7.38 23.16 -4.97
CA THR A 16 7.74 22.39 -6.14
C THR A 16 8.92 21.47 -5.87
N LEU A 17 9.91 21.96 -5.10
CA LEU A 17 10.96 21.07 -4.62
C LEU A 17 10.33 19.84 -3.96
N LEU A 18 9.40 20.07 -3.04
CA LEU A 18 8.75 18.98 -2.34
C LEU A 18 8.01 18.06 -3.29
N LYS A 19 7.38 18.64 -4.32
CA LYS A 19 6.58 17.85 -5.23
C LYS A 19 7.45 17.02 -6.17
N GLU A 20 8.60 17.55 -6.59
CA GLU A 20 9.46 16.86 -7.54
C GLU A 20 10.59 16.07 -6.90
N GLY A 21 10.91 16.33 -5.63
CA GLY A 21 11.89 15.51 -4.92
C GLY A 21 13.20 15.40 -5.67
N TYR A 22 13.63 14.15 -5.90
CA TYR A 22 14.93 13.86 -6.50
C TYR A 22 15.10 14.42 -7.91
N LEU A 23 14.05 14.96 -8.52
CA LEU A 23 14.15 15.47 -9.89
C LEU A 23 14.06 16.98 -9.98
N PHE A 24 13.96 17.68 -8.85
CA PHE A 24 13.76 19.12 -8.91
C PHE A 24 14.93 19.81 -9.61
N ILE A 25 16.16 19.41 -9.29
CA ILE A 25 17.31 20.06 -9.91
C ILE A 25 17.51 19.54 -11.33
N LYS A 26 17.50 18.21 -11.50
CA LYS A 26 17.77 17.59 -12.79
C LYS A 26 16.81 18.10 -13.86
N ASN A 27 15.51 18.19 -13.54
CA ASN A 27 14.52 18.65 -14.49
C ASN A 27 14.89 20.02 -15.06
N ARG A 28 15.40 20.91 -14.22
CA ARG A 28 15.62 22.29 -14.64
C ARG A 28 16.97 22.50 -15.31
N THR A 29 18.02 21.78 -14.87
CA THR A 29 19.27 21.82 -15.62
C THR A 29 19.08 21.26 -17.02
N GLU A 30 18.37 20.15 -17.15
CA GLU A 30 17.99 19.64 -18.46
C GLU A 30 17.19 20.68 -19.24
N ARG A 31 16.21 21.31 -18.58
CA ARG A 31 15.35 22.28 -19.25
C ARG A 31 16.16 23.45 -19.79
N TYR A 32 16.93 24.12 -18.93
CA TYR A 32 17.70 25.29 -19.30
C TYR A 32 19.03 24.95 -19.97
N ASN A 33 19.42 23.67 -20.00
CA ASN A 33 20.70 23.25 -20.59
C ASN A 33 21.86 24.00 -19.94
N SER A 34 21.78 24.18 -18.63
CA SER A 34 22.84 24.78 -17.83
C SER A 34 23.10 23.90 -16.62
N ASP A 35 24.38 23.75 -16.27
CA ASP A 35 24.71 22.96 -15.09
C ASP A 35 24.42 23.69 -13.79
N LEU A 36 23.85 24.89 -13.85
CA LEU A 36 23.47 25.59 -12.63
C LEU A 36 22.45 26.68 -12.95
N PHE A 37 21.54 26.91 -12.01
CA PHE A 37 20.54 27.97 -12.11
C PHE A 37 20.28 28.56 -10.74
N GLN A 38 19.60 29.70 -10.73
CA GLN A 38 19.25 30.42 -9.51
C GLN A 38 17.79 30.19 -9.18
N ALA A 39 17.50 30.04 -7.88
CA ALA A 39 16.14 29.75 -7.42
C ALA A 39 15.97 30.22 -5.99
N ARG A 40 14.76 30.68 -5.67
CA ARG A 40 14.41 31.04 -4.30
C ARG A 40 13.82 29.82 -3.62
N LEU A 41 14.59 29.20 -2.72
CA LEU A 41 14.16 28.08 -1.89
C LEU A 41 14.34 28.43 -0.42
N LEU A 42 13.49 27.83 0.42
CA LEU A 42 13.62 27.95 1.88
C LEU A 42 13.64 29.41 2.33
N GLY A 43 13.01 30.29 1.57
CA GLY A 43 13.04 31.70 1.85
C GLY A 43 14.32 32.40 1.45
N LYS A 44 15.38 31.67 1.13
CA LYS A 44 16.67 32.25 0.78
C LYS A 44 16.87 32.21 -0.73
N ASN A 45 17.98 32.81 -1.17
CA ASN A 45 18.41 32.74 -2.56
C ASN A 45 19.42 31.60 -2.74
N PHE A 46 19.18 30.75 -3.72
CA PHE A 46 19.97 29.55 -3.95
C PHE A 46 20.55 29.53 -5.36
N ILE A 47 21.73 28.93 -5.46
CA ILE A 47 22.22 28.40 -6.72
C ILE A 47 22.18 26.88 -6.59
N CYS A 48 21.44 26.23 -7.48
CA CYS A 48 21.50 24.78 -7.57
C CYS A 48 22.52 24.43 -8.66
N MET A 49 23.30 23.37 -8.45
CA MET A 49 24.27 22.97 -9.46
C MET A 49 24.44 21.46 -9.46
N THR A 50 24.84 20.93 -10.63
CA THR A 50 24.94 19.50 -10.86
C THR A 50 26.20 19.19 -11.67
N GLY A 51 26.62 17.93 -11.64
CA GLY A 51 27.75 17.45 -12.43
C GLY A 51 29.02 17.28 -11.60
N ALA A 52 29.90 16.42 -12.11
CA ALA A 52 31.13 16.08 -11.39
C ALA A 52 32.01 17.29 -11.15
N GLU A 53 32.12 18.19 -12.13
CA GLU A 53 32.92 19.38 -11.93
C GLU A 53 32.30 20.32 -10.89
N ALA A 54 30.97 20.45 -10.91
CA ALA A 54 30.30 21.22 -9.85
C ALA A 54 30.65 20.67 -8.48
N ALA A 55 30.69 19.34 -8.32
CA ALA A 55 30.98 18.75 -7.02
C ALA A 55 32.36 19.16 -6.54
N LYS A 56 33.33 19.23 -7.45
CA LYS A 56 34.68 19.65 -7.08
C LYS A 56 34.67 21.06 -6.52
N VAL A 57 33.91 21.96 -7.14
CA VAL A 57 33.77 23.31 -6.61
C VAL A 57 33.08 23.29 -5.26
N PHE A 58 32.05 22.46 -5.11
CA PHE A 58 31.32 22.36 -3.85
C PHE A 58 32.21 21.92 -2.70
N TYR A 59 33.19 21.05 -2.96
CA TYR A 59 34.10 20.57 -1.92
C TYR A 59 35.37 21.41 -1.80
N ASP A 60 35.46 22.54 -2.49
CA ASP A 60 36.50 23.54 -2.25
C ASP A 60 36.20 24.24 -0.93
N THR A 61 36.87 23.82 0.15
CA THR A 61 36.55 24.26 1.50
C THR A 61 36.96 25.70 1.77
N ASP A 62 37.68 26.36 0.86
CA ASP A 62 37.92 27.79 0.99
C ASP A 62 36.86 28.63 0.29
N ARG A 63 35.99 28.01 -0.50
CA ARG A 63 34.89 28.69 -1.16
C ARG A 63 33.53 28.40 -0.51
N PHE A 64 33.42 27.31 0.25
CA PHE A 64 32.15 26.86 0.78
C PHE A 64 32.27 26.52 2.26
N GLN A 65 31.26 26.90 3.03
CA GLN A 65 31.19 26.58 4.44
C GLN A 65 29.90 25.80 4.74
N ARG A 66 29.94 25.02 5.82
CA ARG A 66 28.73 24.33 6.27
C ARG A 66 28.10 24.96 7.49
N GLN A 67 28.81 25.82 8.22
CA GLN A 67 28.18 26.49 9.35
C GLN A 67 26.97 27.29 8.87
N ASN A 68 25.84 27.08 9.55
CA ASN A 68 24.57 27.77 9.30
C ASN A 68 23.93 27.39 7.98
N ALA A 69 24.31 26.26 7.38
CA ALA A 69 23.71 25.83 6.13
C ALA A 69 22.60 24.80 6.33
N LEU A 70 22.62 24.07 7.44
CA LEU A 70 21.67 22.99 7.65
C LEU A 70 20.38 23.56 8.21
N PRO A 71 19.25 23.47 7.50
CA PRO A 71 17.99 24.06 7.99
C PRO A 71 17.64 23.55 9.38
N LYS A 72 17.10 24.45 10.22
CA LYS A 72 16.85 24.11 11.61
C LYS A 72 15.86 22.98 11.75
N ARG A 73 14.83 22.95 10.90
CA ARG A 73 13.86 21.85 10.95
C ARG A 73 14.54 20.50 10.76
N VAL A 74 15.61 20.46 9.97
CA VAL A 74 16.38 19.24 9.76
C VAL A 74 17.28 18.95 10.96
N GLN A 75 17.80 19.99 11.62
CA GLN A 75 18.55 19.80 12.86
C GLN A 75 17.66 19.24 13.97
N LYS A 76 16.45 19.78 14.12
CA LYS A 76 15.58 19.37 15.22
C LYS A 76 14.91 18.01 15.01
N SER A 77 15.18 17.34 13.89
CA SER A 77 14.59 16.01 13.65
C SER A 77 15.66 14.97 13.29
N GLY A 78 16.23 15.08 12.09
CA GLY A 78 17.07 14.00 11.60
C GLY A 78 18.42 13.90 12.28
N PHE A 79 19.06 15.03 12.54
CA PHE A 79 20.50 15.03 12.77
C PHE A 79 20.96 15.67 14.06
N GLY A 80 20.14 16.46 14.74
CA GLY A 80 20.55 17.09 15.98
C GLY A 80 21.10 18.50 15.76
N VAL A 81 21.02 19.30 16.82
CA VAL A 81 21.41 20.71 16.77
C VAL A 81 22.91 20.83 17.02
N ASN A 82 23.62 21.43 16.05
CA ASN A 82 25.02 21.87 16.23
C ASN A 82 25.99 20.69 16.24
N ALA A 83 25.76 19.72 15.37
CA ALA A 83 26.64 18.57 15.27
C ALA A 83 27.64 18.77 14.12
N ILE A 84 28.31 17.68 13.74
CA ILE A 84 29.45 17.76 12.82
C ILE A 84 29.05 18.33 11.47
N PHE A 85 27.81 18.06 11.02
CA PHE A 85 27.37 18.52 9.70
C PHE A 85 27.53 20.02 9.54
N GLY A 86 27.42 20.76 10.64
CA GLY A 86 27.48 22.22 10.60
C GLY A 86 28.81 22.81 10.99
N MET A 87 29.83 22.00 11.23
CA MET A 87 31.14 22.49 11.67
C MET A 87 32.07 22.70 10.47
N ASP A 88 32.95 23.70 10.60
CA ASP A 88 33.96 24.01 9.60
C ASP A 88 35.35 24.01 10.24
N GLY A 89 36.36 24.17 9.39
CA GLY A 89 37.70 24.50 9.86
C GLY A 89 38.39 23.32 10.52
N SER A 90 39.34 23.63 11.41
CA SER A 90 40.02 22.58 12.12
C SER A 90 39.15 21.95 13.22
N ALA A 91 38.16 22.70 13.74
CA ALA A 91 37.25 22.09 14.71
C ALA A 91 36.50 20.92 14.10
N HIS A 92 36.17 21.03 12.82
CA HIS A 92 35.45 19.97 12.13
C HIS A 92 36.35 18.79 11.85
N ILE A 93 37.57 19.07 11.38
CA ILE A 93 38.52 18.00 11.11
C ILE A 93 38.82 17.21 12.39
N HIS A 94 38.95 17.91 13.52
CA HIS A 94 39.21 17.24 14.78
C HIS A 94 38.11 16.24 15.10
N ARG A 95 36.85 16.69 15.06
CA ARG A 95 35.75 15.77 15.36
C ARG A 95 35.56 14.75 14.25
N LYS A 96 35.82 15.12 12.99
CA LYS A 96 35.67 14.17 11.89
C LYS A 96 36.60 12.98 12.06
N MET A 97 37.79 13.19 12.65
CA MET A 97 38.71 12.08 12.89
C MET A 97 38.18 11.11 13.94
N LEU A 98 37.44 11.62 14.94
CA LEU A 98 36.79 10.74 15.90
C LEU A 98 35.90 9.72 15.19
N PHE A 99 34.94 10.21 14.39
CA PHE A 99 34.07 9.32 13.62
C PHE A 99 34.89 8.34 12.78
N LEU A 100 35.94 8.85 12.10
CA LEU A 100 36.72 8.01 11.19
C LEU A 100 37.44 6.90 11.94
N SER A 101 37.90 7.18 13.17
CA SER A 101 38.54 6.15 13.97
C SER A 101 37.61 4.97 14.25
N LEU A 102 36.30 5.20 14.25
CA LEU A 102 35.31 4.17 14.53
C LEU A 102 34.80 3.47 13.26
N MET A 103 35.38 3.77 12.09
CA MET A 103 34.81 3.25 10.84
C MET A 103 35.86 2.70 9.87
N THR A 104 37.05 2.36 10.38
CA THR A 104 38.15 1.76 9.64
C THR A 104 37.75 0.38 9.10
N PRO A 105 38.58 -0.24 8.24
CA PRO A 105 38.29 -1.61 7.78
C PRO A 105 38.11 -2.59 8.93
N PRO A 106 38.90 -2.48 10.04
CA PRO A 106 38.60 -3.31 11.22
C PRO A 106 37.13 -3.27 11.63
N HIS A 107 36.57 -2.08 11.87
CA HIS A 107 35.17 -1.99 12.29
C HIS A 107 34.23 -2.45 11.18
N GLN A 108 34.58 -2.18 9.92
CA GLN A 108 33.76 -2.63 8.81
C GLN A 108 33.65 -4.16 8.83
N LYS A 109 34.79 -4.85 8.92
CA LYS A 109 34.78 -6.30 9.04
C LYS A 109 33.91 -6.77 10.19
N ARG A 110 34.01 -6.09 11.35
CA ARG A 110 33.26 -6.51 12.52
C ARG A 110 31.75 -6.34 12.33
N LEU A 111 31.34 -5.18 11.83
CA LEU A 111 29.91 -4.98 11.58
C LEU A 111 29.39 -5.98 10.56
N ALA A 112 30.16 -6.24 9.50
CA ALA A 112 29.74 -7.22 8.49
C ALA A 112 29.63 -8.63 9.07
N GLU A 113 30.63 -9.04 9.88
CA GLU A 113 30.55 -10.35 10.53
C GLU A 113 29.30 -10.46 11.39
N LEU A 114 29.02 -9.43 12.18
CA LEU A 114 27.86 -9.44 13.07
C LEU A 114 26.56 -9.53 12.28
N MET A 115 26.48 -8.82 11.15
CA MET A 115 25.31 -8.91 10.29
C MET A 115 25.13 -10.31 9.74
N THR A 116 26.22 -10.92 9.26
CA THR A 116 26.15 -12.28 8.75
C THR A 116 25.66 -13.24 9.84
N GLU A 117 26.23 -13.11 11.05
CA GLU A 117 25.78 -13.89 12.19
C GLU A 117 24.27 -13.74 12.41
N GLU A 118 23.75 -12.51 12.30
CA GLU A 118 22.32 -12.28 12.54
C GLU A 118 21.46 -12.82 11.39
N TRP A 119 21.94 -12.75 10.14
CA TRP A 119 21.15 -13.29 9.04
C TRP A 119 21.01 -14.81 9.15
N LYS A 120 22.11 -15.51 9.48
CA LYS A 120 22.06 -16.96 9.58
C LYS A 120 21.10 -17.42 10.68
N ALA A 121 21.08 -16.71 11.81
CA ALA A 121 20.13 -17.03 12.87
C ALA A 121 18.70 -16.72 12.45
N ALA A 122 18.49 -15.62 11.72
CA ALA A 122 17.16 -15.27 11.23
C ALA A 122 16.49 -16.42 10.48
N VAL A 123 17.28 -17.27 9.81
CA VAL A 123 16.73 -18.35 8.99
C VAL A 123 15.81 -19.26 9.83
N THR A 124 16.22 -19.57 11.05
CA THR A 124 15.43 -20.44 11.92
C THR A 124 14.02 -19.89 12.13
N ARG A 125 13.89 -18.56 12.26
CA ARG A 125 12.55 -17.98 12.38
C ARG A 125 11.89 -17.79 11.02
N TRP A 126 12.65 -17.35 10.00
CA TRP A 126 12.06 -17.05 8.70
C TRP A 126 11.48 -18.31 8.05
N GLU A 127 12.18 -19.44 8.17
CA GLU A 127 11.63 -20.69 7.64
C GLU A 127 10.25 -20.98 8.20
N LYS A 128 10.02 -20.63 9.47
CA LYS A 128 8.79 -21.02 10.16
C LYS A 128 7.65 -20.05 9.88
N ALA A 129 7.94 -18.86 9.36
CA ALA A 129 6.96 -17.84 9.10
C ALA A 129 6.43 -17.97 7.69
N ASP A 130 5.26 -17.38 7.45
CA ASP A 130 4.78 -17.32 6.07
C ASP A 130 5.59 -16.24 5.34
N GLU A 131 5.24 -14.97 5.55
CA GLU A 131 5.93 -13.88 4.90
C GLU A 131 6.92 -13.21 5.86
N VAL A 132 7.66 -12.28 5.29
CA VAL A 132 8.62 -11.46 6.02
C VAL A 132 8.77 -10.17 5.25
N VAL A 133 8.79 -9.05 5.97
CA VAL A 133 9.02 -7.75 5.35
C VAL A 133 10.50 -7.41 5.53
N LEU A 134 11.24 -7.35 4.43
CA LEU A 134 12.69 -7.21 4.54
C LEU A 134 13.07 -5.90 5.23
N PHE A 135 12.34 -4.81 4.94
CA PHE A 135 12.68 -3.52 5.55
C PHE A 135 12.57 -3.58 7.06
N GLU A 136 11.51 -4.18 7.58
CA GLU A 136 11.32 -4.23 9.03
C GLU A 136 12.34 -5.16 9.69
N GLU A 137 12.67 -6.28 9.02
CA GLU A 137 13.72 -7.15 9.54
C GLU A 137 15.06 -6.44 9.57
N ALA A 138 15.41 -5.79 8.45
CA ALA A 138 16.66 -5.04 8.40
C ALA A 138 16.77 -4.03 9.53
N LYS A 139 15.72 -3.24 9.76
CA LYS A 139 15.78 -2.21 10.80
C LYS A 139 16.14 -2.81 12.15
N GLU A 140 15.43 -3.87 12.55
CA GLU A 140 15.66 -4.47 13.86
C GLU A 140 17.05 -5.08 13.96
N ILE A 141 17.51 -5.78 12.92
CA ILE A 141 18.83 -6.41 13.00
C ILE A 141 19.92 -5.36 13.04
N LEU A 142 19.80 -4.31 12.22
CA LEU A 142 20.83 -3.28 12.21
C LEU A 142 20.90 -2.55 13.54
N CYS A 143 19.73 -2.20 14.11
CA CYS A 143 19.70 -1.55 15.42
C CYS A 143 20.39 -2.41 16.47
N ARG A 144 20.04 -3.70 16.53
CA ARG A 144 20.66 -4.59 17.52
C ARG A 144 22.17 -4.69 17.30
N VAL A 145 22.59 -4.80 16.03
CA VAL A 145 24.01 -4.93 15.72
C VAL A 145 24.74 -3.62 16.02
N ALA A 146 24.17 -2.49 15.61
CA ALA A 146 24.81 -1.18 15.85
C ALA A 146 25.01 -0.94 17.34
N CYS A 147 23.97 -1.16 18.15
CA CYS A 147 24.10 -0.93 19.59
C CYS A 147 25.14 -1.86 20.22
N TYR A 148 25.13 -3.14 19.83
CA TYR A 148 26.08 -4.09 20.40
C TYR A 148 27.51 -3.78 19.99
N TRP A 149 27.74 -3.48 18.71
CA TRP A 149 29.07 -3.08 18.29
C TRP A 149 29.50 -1.79 18.98
N ALA A 150 28.55 -0.91 19.29
CA ALA A 150 28.88 0.37 19.91
C ALA A 150 29.12 0.27 21.42
N GLY A 151 28.73 -0.83 22.06
CA GLY A 151 28.73 -0.86 23.50
C GLY A 151 27.48 -0.27 24.12
N VAL A 152 26.41 -0.12 23.35
CA VAL A 152 25.17 0.47 23.85
C VAL A 152 24.25 -0.65 24.33
N PRO A 153 23.93 -0.71 25.62
CA PRO A 153 22.95 -1.69 26.11
C PRO A 153 21.60 -1.51 25.44
N LEU A 154 21.00 -2.62 25.03
CA LEU A 154 19.74 -2.60 24.30
C LEU A 154 18.93 -3.81 24.71
N LYS A 155 17.87 -3.60 25.51
CA LYS A 155 16.99 -4.68 25.93
C LYS A 155 16.19 -5.21 24.75
N GLU A 156 15.94 -6.52 24.75
CA GLU A 156 15.20 -7.12 23.64
C GLU A 156 13.84 -6.44 23.47
N THR A 157 13.21 -6.03 24.57
CA THR A 157 11.87 -5.47 24.50
C THR A 157 11.84 -4.07 23.92
N GLU A 158 12.96 -3.36 23.85
CA GLU A 158 12.95 -2.02 23.29
C GLU A 158 13.51 -1.97 21.87
N VAL A 159 13.94 -3.10 21.31
CA VAL A 159 14.68 -3.10 20.05
C VAL A 159 13.86 -2.43 18.94
N LYS A 160 12.63 -2.90 18.71
CA LYS A 160 11.81 -2.35 17.64
C LYS A 160 11.45 -0.90 17.91
N GLU A 161 11.25 -0.54 19.17
CA GLU A 161 10.88 0.83 19.49
C GLU A 161 12.04 1.79 19.22
N ARG A 162 13.28 1.37 19.53
CA ARG A 162 14.43 2.24 19.29
C ARG A 162 14.76 2.31 17.80
N ALA A 163 14.62 1.18 17.09
CA ALA A 163 14.84 1.21 15.64
C ALA A 163 13.82 2.11 14.95
N ASP A 164 12.55 2.05 15.40
CA ASP A 164 11.50 2.89 14.83
C ASP A 164 11.77 4.36 15.07
N ASP A 165 12.32 4.70 16.24
CA ASP A 165 12.64 6.11 16.49
C ASP A 165 13.78 6.58 15.59
N PHE A 166 14.71 5.69 15.27
CA PHE A 166 15.80 6.05 14.36
C PHE A 166 15.25 6.30 12.95
N ILE A 167 14.37 5.43 12.46
CA ILE A 167 13.83 5.63 11.13
C ILE A 167 12.90 6.86 11.09
N ASP A 168 12.18 7.13 12.17
CA ASP A 168 11.36 8.34 12.23
C ASP A 168 12.22 9.60 12.04
N MET A 169 13.43 9.58 12.60
CA MET A 169 14.33 10.70 12.40
C MET A 169 14.75 10.81 10.94
N VAL A 170 15.17 9.68 10.35
CA VAL A 170 15.62 9.66 8.95
C VAL A 170 14.51 10.15 8.03
N ASP A 171 13.30 9.70 8.27
CA ASP A 171 12.18 9.92 7.39
C ASP A 171 11.54 11.29 7.58
N ALA A 172 12.02 12.08 8.54
CA ALA A 172 11.40 13.36 8.85
C ALA A 172 12.06 14.55 8.18
N SER A 173 13.35 14.46 7.84
CA SER A 173 14.10 15.61 7.35
C SER A 173 13.45 16.21 6.09
N GLY A 174 12.90 15.37 5.22
CA GLY A 174 12.38 15.86 3.96
C GLY A 174 10.88 15.99 3.89
N ALA A 175 10.23 16.07 5.05
CA ALA A 175 8.79 15.96 5.11
C ALA A 175 8.18 17.19 5.77
N VAL A 176 6.88 17.36 5.57
CA VAL A 176 6.09 18.38 6.23
C VAL A 176 4.94 17.66 6.92
N GLY A 177 4.32 18.35 7.88
CA GLY A 177 3.18 17.81 8.59
C GLY A 177 3.49 16.57 9.42
N PRO A 178 2.56 15.62 9.46
CA PRO A 178 2.68 14.52 10.44
C PRO A 178 3.95 13.70 10.31
N ARG A 179 4.38 13.42 9.07
CA ARG A 179 5.61 12.65 8.88
C ARG A 179 6.79 13.37 9.52
N HIS A 180 6.81 14.70 9.47
CA HIS A 180 7.87 15.49 10.09
C HIS A 180 7.79 15.45 11.61
N TRP A 181 6.57 15.44 12.16
CA TRP A 181 6.41 15.50 13.60
C TRP A 181 6.93 14.26 14.29
N LYS A 182 6.80 13.09 13.65
CA LYS A 182 7.35 11.85 14.21
C LYS A 182 8.83 12.02 14.53
N GLY A 183 9.60 12.52 13.57
CA GLY A 183 11.01 12.78 13.81
C GLY A 183 11.23 13.80 14.93
N ARG A 184 10.39 14.84 14.96
CA ARG A 184 10.52 15.85 16.02
C ARG A 184 10.30 15.27 17.40
N ARG A 185 9.50 14.20 17.52
CA ARG A 185 9.29 13.60 18.82
C ARG A 185 10.25 12.46 19.12
N ALA A 186 10.81 11.82 18.10
CA ALA A 186 11.75 10.73 18.34
C ALA A 186 13.10 11.27 18.80
N ARG A 187 13.56 12.39 18.22
CA ARG A 187 14.90 12.89 18.52
C ARG A 187 15.08 13.18 20.02
N PRO A 188 14.17 13.87 20.72
CA PRO A 188 14.39 14.02 22.18
C PRO A 188 14.34 12.71 22.95
N ARG A 189 13.47 11.78 22.58
CA ARG A 189 13.49 10.47 23.24
C ARG A 189 14.87 9.83 23.12
N ALA A 190 15.46 9.86 21.92
CA ALA A 190 16.73 9.18 21.70
C ALA A 190 17.88 9.91 22.37
N GLU A 191 17.85 11.25 22.36
CA GLU A 191 18.94 12.01 22.95
C GLU A 191 18.98 11.84 24.47
N GLU A 192 17.80 11.79 25.12
CA GLU A 192 17.75 11.60 26.57
C GLU A 192 18.27 10.23 26.97
N TRP A 193 17.80 9.19 26.27
CA TRP A 193 18.28 7.82 26.44
C TRP A 193 19.80 7.75 26.41
N ILE A 194 20.40 8.20 25.30
CA ILE A 194 21.85 8.10 25.15
C ILE A 194 22.58 9.01 26.12
N GLU A 195 22.02 10.19 26.42
CA GLU A 195 22.71 11.11 27.32
C GLU A 195 22.91 10.51 28.71
N VAL A 196 21.90 9.83 29.25
CA VAL A 196 22.04 9.19 30.55
C VAL A 196 23.09 8.08 30.48
N MET A 197 23.20 7.39 29.34
CA MET A 197 24.33 6.47 29.16
C MET A 197 25.64 7.21 29.29
N ILE A 198 25.81 8.31 28.53
CA ILE A 198 27.04 9.07 28.57
C ILE A 198 27.38 9.48 29.99
N GLU A 199 26.38 9.96 30.74
CA GLU A 199 26.64 10.40 32.11
C GLU A 199 27.09 9.23 32.97
N ASP A 200 26.39 8.10 32.89
CA ASP A 200 26.76 6.92 33.68
C ASP A 200 28.13 6.39 33.28
N ALA A 201 28.45 6.42 31.98
CA ALA A 201 29.79 6.00 31.53
C ALA A 201 30.86 6.83 32.20
N ARG A 202 30.68 8.16 32.23
CA ARG A 202 31.66 9.03 32.88
C ARG A 202 31.75 8.79 34.38
N ALA A 203 30.71 8.24 34.99
CA ALA A 203 30.70 7.96 36.42
C ALA A 203 31.19 6.55 36.77
N GLY A 204 31.51 5.72 35.78
CA GLY A 204 31.85 4.36 36.07
C GLY A 204 30.70 3.47 36.45
N LEU A 205 29.46 3.94 36.29
CA LEU A 205 28.28 3.16 36.63
C LEU A 205 27.81 2.28 35.47
N LEU A 206 28.45 2.39 34.32
CA LEU A 206 28.13 1.61 33.13
C LEU A 206 29.44 1.16 32.50
N LYS A 207 29.59 -0.15 32.25
CA LYS A 207 30.84 -0.66 31.72
C LYS A 207 31.05 -0.19 30.28
N THR A 208 32.20 0.42 30.00
CA THR A 208 32.59 0.73 28.63
C THR A 208 33.90 0.04 28.30
N THR A 209 34.28 0.18 27.03
CA THR A 209 35.37 -0.58 26.43
C THR A 209 36.11 0.35 25.49
N SER A 210 37.41 0.55 25.75
CA SER A 210 38.20 1.40 24.89
C SER A 210 38.08 0.97 23.43
N GLY A 211 37.94 1.95 22.55
CA GLY A 211 37.80 1.68 21.14
C GLY A 211 36.38 1.48 20.64
N THR A 212 35.39 1.34 21.53
CA THR A 212 34.02 1.25 21.05
C THR A 212 33.37 2.64 21.00
N ALA A 213 32.30 2.75 20.22
CA ALA A 213 31.73 4.06 19.90
C ALA A 213 31.28 4.79 21.16
N LEU A 214 30.51 4.11 22.03
CA LEU A 214 30.03 4.76 23.26
C LEU A 214 31.20 5.28 24.09
N HIS A 215 32.23 4.46 24.27
CA HIS A 215 33.39 4.85 25.04
C HIS A 215 34.10 6.04 24.40
N GLU A 216 34.27 6.03 23.08
CA GLU A 216 35.05 7.09 22.43
C GLU A 216 34.30 8.41 22.44
N MET A 217 32.99 8.39 22.19
CA MET A 217 32.20 9.61 22.29
C MET A 217 32.15 10.13 23.72
N ALA A 218 32.10 9.23 24.71
CA ALA A 218 32.00 9.66 26.09
C ALA A 218 33.27 10.33 26.58
N PHE A 219 34.43 9.98 25.99
CA PHE A 219 35.71 10.45 26.50
C PHE A 219 36.51 11.28 25.50
N HIS A 220 35.95 11.54 24.31
CA HIS A 220 36.60 12.39 23.33
C HIS A 220 36.99 13.73 23.96
N THR A 221 38.13 14.27 23.54
CA THR A 221 38.53 15.61 23.93
C THR A 221 38.68 16.46 22.68
N GLN A 222 38.25 17.73 22.78
CA GLN A 222 38.28 18.63 21.64
C GLN A 222 39.69 19.21 21.47
N GLU A 223 39.83 20.19 20.58
CA GLU A 223 41.11 20.87 20.43
C GLU A 223 41.55 21.47 21.76
N ASP A 224 40.66 22.19 22.43
CA ASP A 224 40.94 22.82 23.72
C ASP A 224 40.97 21.82 24.88
N GLY A 225 40.73 20.54 24.64
CA GLY A 225 40.92 19.51 25.66
C GLY A 225 39.76 19.26 26.59
N SER A 226 38.65 19.98 26.44
CA SER A 226 37.46 19.65 27.21
C SER A 226 36.75 18.45 26.58
N GLN A 227 35.97 17.74 27.41
CA GLN A 227 35.02 16.76 26.88
C GLN A 227 33.83 17.49 26.24
N LEU A 228 33.01 16.73 25.52
CA LEU A 228 31.79 17.28 24.96
C LEU A 228 30.70 17.34 26.03
N ASP A 229 29.79 18.31 25.87
CA ASP A 229 28.55 18.23 26.61
C ASP A 229 27.97 16.83 26.48
N SER A 230 27.45 16.31 27.59
CA SER A 230 26.82 15.00 27.54
C SER A 230 25.79 14.92 26.41
N ARG A 231 25.02 16.00 26.22
CA ARG A 231 24.02 16.03 25.16
C ARG A 231 24.68 15.98 23.78
N MET A 232 25.79 16.71 23.58
CA MET A 232 26.48 16.69 22.29
C MET A 232 27.13 15.33 22.03
N ALA A 233 27.71 14.71 23.06
CA ALA A 233 28.19 13.34 22.93
C ALA A 233 27.05 12.40 22.53
N ALA A 234 25.91 12.54 23.19
CA ALA A 234 24.74 11.75 22.82
C ALA A 234 24.37 12.00 21.36
N ILE A 235 24.30 13.27 20.97
CA ILE A 235 23.97 13.60 19.58
C ILE A 235 24.93 12.90 18.63
N GLU A 236 26.24 13.02 18.87
CA GLU A 236 27.18 12.46 17.91
C GLU A 236 27.19 10.93 17.94
N LEU A 237 26.94 10.32 19.10
CA LEU A 237 26.75 8.87 19.09
C LEU A 237 25.53 8.48 18.27
N ILE A 238 24.44 9.25 18.40
CA ILE A 238 23.25 9.01 17.59
C ILE A 238 23.56 9.16 16.11
N ASN A 239 24.49 10.06 15.76
CA ASN A 239 24.97 10.15 14.40
C ASN A 239 25.90 8.99 14.01
N VAL A 240 26.03 7.98 14.86
CA VAL A 240 26.60 6.70 14.49
C VAL A 240 25.53 5.62 14.41
N LEU A 241 24.64 5.55 15.40
CA LEU A 241 23.65 4.50 15.44
C LEU A 241 22.58 4.69 14.36
N ARG A 242 22.05 5.92 14.23
CA ARG A 242 20.99 6.15 13.23
C ARG A 242 21.41 5.79 11.81
N PRO A 243 22.53 6.28 11.28
CA PRO A 243 22.84 5.94 9.89
C PRO A 243 23.04 4.45 9.65
N ILE A 244 23.58 3.69 10.62
CA ILE A 244 23.67 2.25 10.46
C ILE A 244 22.27 1.64 10.28
N VAL A 245 21.29 2.10 11.07
CA VAL A 245 19.92 1.60 10.89
C VAL A 245 19.37 2.05 9.53
N ALA A 246 19.86 3.17 9.00
CA ALA A 246 19.35 3.67 7.71
C ALA A 246 19.89 2.87 6.52
N ILE A 247 20.89 2.01 6.72
CA ILE A 247 21.35 1.09 5.68
C ILE A 247 20.22 0.17 5.22
N SER A 248 19.18 0.00 6.04
CA SER A 248 18.04 -0.84 5.64
C SER A 248 17.42 -0.37 4.32
N TYR A 249 17.43 0.94 4.05
CA TYR A 249 16.98 1.44 2.76
C TYR A 249 17.80 0.83 1.62
N PHE A 250 19.13 0.86 1.75
CA PHE A 250 19.97 0.28 0.69
C PHE A 250 19.77 -1.23 0.59
N LEU A 251 19.52 -1.90 1.71
CA LEU A 251 19.42 -3.36 1.65
C LEU A 251 18.14 -3.77 0.94
N VAL A 252 17.08 -3.00 1.09
CA VAL A 252 15.85 -3.26 0.34
C VAL A 252 16.06 -2.98 -1.14
N PHE A 253 16.73 -1.88 -1.49
CA PHE A 253 16.99 -1.61 -2.91
C PHE A 253 17.87 -2.70 -3.54
N SER A 254 18.78 -3.30 -2.75
CA SER A 254 19.56 -4.43 -3.25
C SER A 254 18.67 -5.59 -3.68
N ALA A 255 17.74 -5.98 -2.79
CA ALA A 255 16.82 -7.07 -3.11
C ALA A 255 15.87 -6.67 -4.23
N LEU A 256 15.46 -5.39 -4.27
CA LEU A 256 14.63 -4.93 -5.38
C LEU A 256 15.37 -5.07 -6.71
N ALA A 257 16.68 -4.84 -6.71
CA ALA A 257 17.47 -4.97 -7.92
C ALA A 257 17.50 -6.41 -8.41
N LEU A 258 17.78 -7.36 -7.50
CA LEU A 258 17.79 -8.77 -7.86
C LEU A 258 16.46 -9.22 -8.46
N HIS A 259 15.35 -8.74 -7.90
CA HIS A 259 14.04 -9.18 -8.38
C HIS A 259 13.74 -8.62 -9.76
N GLU A 260 13.97 -7.33 -9.97
CA GLU A 260 13.65 -6.70 -11.25
C GLU A 260 14.72 -6.95 -12.32
N HIS A 261 15.88 -7.50 -11.95
CA HIS A 261 16.94 -7.81 -12.91
C HIS A 261 17.52 -9.18 -12.57
N PRO A 262 16.69 -10.23 -12.60
CA PRO A 262 17.15 -11.53 -12.12
C PRO A 262 18.29 -12.13 -12.93
N LYS A 263 18.60 -11.60 -14.11
CA LYS A 263 19.75 -12.11 -14.84
C LYS A 263 21.04 -12.00 -14.03
N TYR A 264 21.11 -11.11 -13.04
CA TYR A 264 22.33 -10.95 -12.25
C TYR A 264 22.41 -11.90 -11.06
N LYS A 265 21.34 -12.66 -10.77
CA LYS A 265 21.39 -13.53 -9.60
C LYS A 265 22.32 -14.72 -9.85
N GLU A 266 22.24 -15.33 -11.03
CA GLU A 266 23.21 -16.37 -11.36
C GLU A 266 24.59 -15.78 -11.67
N TRP A 267 24.61 -14.55 -12.23
CA TRP A 267 25.86 -13.83 -12.39
C TRP A 267 26.56 -13.63 -11.04
N LEU A 268 25.79 -13.35 -9.99
CA LEU A 268 26.35 -13.21 -8.65
C LEU A 268 26.69 -14.56 -8.02
N ARG A 269 25.82 -15.55 -8.21
CA ARG A 269 26.01 -16.87 -7.61
C ARG A 269 27.37 -17.45 -7.99
N SER A 270 27.63 -17.56 -9.29
CA SER A 270 28.85 -18.18 -9.78
C SER A 270 30.07 -17.26 -9.73
N GLY A 271 29.88 -15.95 -9.50
CA GLY A 271 30.99 -15.04 -9.32
C GLY A 271 31.40 -14.92 -7.85
N ASN A 272 32.54 -14.26 -7.64
CA ASN A 272 33.08 -14.03 -6.30
C ASN A 272 32.67 -12.67 -5.76
N SER A 273 33.58 -11.99 -5.04
CA SER A 273 33.27 -10.68 -4.50
C SER A 273 33.41 -9.57 -5.52
N ARG A 274 34.13 -9.84 -6.62
CA ARG A 274 34.19 -8.92 -7.76
C ARG A 274 32.80 -8.49 -8.17
N GLU A 275 31.93 -9.48 -8.45
CA GLU A 275 30.56 -9.19 -8.88
C GLU A 275 29.74 -8.58 -7.74
N ARG A 276 29.92 -9.08 -6.51
CA ARG A 276 29.23 -8.47 -5.37
C ARG A 276 29.60 -7.00 -5.20
N GLU A 277 30.89 -6.69 -5.30
CA GLU A 277 31.33 -5.30 -5.20
C GLU A 277 30.65 -4.42 -6.23
N MET A 278 30.66 -4.85 -7.49
CA MET A 278 30.08 -4.05 -8.57
C MET A 278 28.59 -3.87 -8.37
N PHE A 279 27.89 -4.96 -8.07
CA PHE A 279 26.47 -4.90 -7.79
C PHE A 279 26.17 -3.89 -6.70
N VAL A 280 26.90 -3.98 -5.59
CA VAL A 280 26.66 -3.07 -4.46
C VAL A 280 26.85 -1.62 -4.90
N GLN A 281 27.83 -1.37 -5.77
CA GLN A 281 28.07 -0.02 -6.23
C GLN A 281 26.93 0.49 -7.11
N GLU A 282 26.45 -0.34 -8.03
CA GLU A 282 25.38 0.12 -8.92
C GLU A 282 24.08 0.35 -8.16
N VAL A 283 23.82 -0.43 -7.10
CA VAL A 283 22.70 -0.13 -6.22
C VAL A 283 22.86 1.27 -5.64
N ARG A 284 24.04 1.57 -5.09
CA ARG A 284 24.27 2.89 -4.49
C ARG A 284 24.18 4.00 -5.54
N ARG A 285 24.65 3.75 -6.76
CA ARG A 285 24.54 4.75 -7.83
C ARG A 285 23.09 4.94 -8.27
N TYR A 286 22.43 3.83 -8.64
CA TYR A 286 21.19 3.92 -9.41
C TYR A 286 20.02 4.37 -8.56
N TYR A 287 19.91 3.86 -7.27
CA TYR A 287 18.68 4.12 -6.54
C TYR A 287 18.80 5.41 -5.72
N PRO A 288 17.68 6.11 -5.51
CA PRO A 288 17.74 7.40 -4.82
C PRO A 288 17.80 7.23 -3.31
N PHE A 289 18.65 8.04 -2.66
CA PHE A 289 18.66 8.12 -1.21
C PHE A 289 18.76 9.57 -0.75
N ILE A 290 19.94 10.15 -0.85
CA ILE A 290 20.17 11.55 -0.49
C ILE A 290 20.03 12.40 -1.74
N PRO A 291 19.07 13.33 -1.80
CA PRO A 291 18.89 14.15 -3.02
C PRO A 291 19.97 15.20 -3.25
N PHE A 292 20.28 16.02 -2.25
CA PHE A 292 21.18 17.17 -2.45
C PHE A 292 21.85 17.54 -1.14
N LEU A 293 22.89 18.35 -1.23
CA LEU A 293 23.58 18.86 -0.06
C LEU A 293 23.56 20.38 -0.08
N GLY A 294 23.57 20.99 1.11
CA GLY A 294 23.55 22.44 1.25
C GLY A 294 24.88 23.00 1.71
N ALA A 295 25.17 24.23 1.30
CA ALA A 295 26.39 24.93 1.72
C ALA A 295 26.23 26.42 1.46
N LEU A 296 27.13 27.21 2.04
CA LEU A 296 27.15 28.66 1.88
C LEU A 296 28.48 29.12 1.29
N VAL A 297 28.39 29.97 0.26
CA VAL A 297 29.55 30.66 -0.29
C VAL A 297 30.16 31.52 0.81
N LYS A 298 31.38 31.17 1.24
CA LYS A 298 32.02 31.89 2.33
C LYS A 298 32.85 33.08 1.86
N LYS A 299 33.16 33.18 0.57
CA LYS A 299 33.76 34.36 -0.01
C LYS A 299 33.52 34.35 -1.52
N ASP A 300 33.55 35.54 -2.13
CA ASP A 300 33.10 35.68 -3.50
C ASP A 300 34.03 34.96 -4.47
N PHE A 301 33.46 34.37 -5.51
CA PHE A 301 34.23 33.75 -6.58
C PHE A 301 33.36 33.65 -7.82
N VAL A 302 34.01 33.26 -8.92
CA VAL A 302 33.32 33.01 -10.19
C VAL A 302 33.66 31.61 -10.67
N TRP A 303 32.66 30.92 -11.23
CA TRP A 303 32.89 29.60 -11.80
C TRP A 303 31.78 29.29 -12.80
N ASN A 304 32.19 28.76 -13.95
CA ASN A 304 31.29 28.42 -15.06
C ASN A 304 30.47 29.65 -15.48
N ASN A 305 31.17 30.78 -15.61
CA ASN A 305 30.58 32.04 -16.05
C ASN A 305 29.41 32.45 -15.16
N CYS A 306 29.54 32.24 -13.84
CA CYS A 306 28.52 32.64 -12.90
C CYS A 306 29.17 33.09 -11.60
N GLU A 307 28.62 34.15 -11.02
CA GLU A 307 29.18 34.81 -9.85
C GLU A 307 28.53 34.31 -8.58
N PHE A 308 29.35 33.83 -7.64
CA PHE A 308 28.89 33.30 -6.35
C PHE A 308 29.17 34.34 -5.27
N LYS A 309 28.14 35.10 -4.91
CA LYS A 309 28.31 36.12 -3.88
C LYS A 309 28.28 35.49 -2.49
N LYS A 310 28.97 36.14 -1.55
CA LYS A 310 29.15 35.57 -0.23
C LYS A 310 27.80 35.43 0.48
N GLY A 311 27.70 34.39 1.33
CA GLY A 311 26.48 34.16 2.07
C GLY A 311 25.34 33.60 1.26
N THR A 312 25.56 33.29 -0.02
CA THR A 312 24.54 32.68 -0.86
C THR A 312 24.48 31.17 -0.63
N SER A 313 23.28 30.64 -0.46
CA SER A 313 23.12 29.21 -0.29
C SER A 313 23.26 28.48 -1.62
N VAL A 314 23.78 27.26 -1.58
CA VAL A 314 23.99 26.47 -2.78
C VAL A 314 23.60 25.02 -2.50
N LEU A 315 22.88 24.41 -3.44
CA LEU A 315 22.62 22.98 -3.43
C LEU A 315 23.51 22.29 -4.45
N LEU A 316 24.00 21.10 -4.10
CA LEU A 316 24.70 20.23 -5.04
C LEU A 316 23.82 19.01 -5.33
N ASP A 317 23.60 18.75 -6.61
CA ASP A 317 22.66 17.72 -7.04
C ASP A 317 23.37 16.37 -7.01
N LEU A 318 23.07 15.56 -5.99
CA LEU A 318 23.70 14.26 -5.87
C LEU A 318 23.05 13.24 -6.80
N TYR A 319 21.71 13.20 -6.79
CA TYR A 319 20.99 12.26 -7.64
C TYR A 319 21.32 12.47 -9.11
N GLY A 320 21.30 13.73 -9.57
CA GLY A 320 21.52 14.00 -10.98
C GLY A 320 22.93 13.66 -11.42
N THR A 321 23.93 14.01 -10.60
CA THR A 321 25.31 13.69 -10.91
C THR A 321 25.50 12.19 -11.09
N ASN A 322 24.80 11.39 -10.29
CA ASN A 322 24.86 9.94 -10.35
C ASN A 322 24.12 9.37 -11.56
N HIS A 323 23.33 10.20 -12.26
CA HIS A 323 22.67 9.79 -13.49
C HIS A 323 23.07 10.69 -14.66
N ASP A 324 24.20 11.37 -14.55
CA ASP A 324 24.72 12.26 -15.58
C ASP A 324 25.24 11.45 -16.77
N PRO A 325 24.58 11.51 -17.94
CA PRO A 325 25.08 10.75 -19.11
C PRO A 325 26.50 11.11 -19.50
N ARG A 326 27.00 12.28 -19.12
CA ARG A 326 28.40 12.60 -19.37
C ARG A 326 29.32 11.69 -18.58
N LEU A 327 28.89 11.25 -17.41
CA LEU A 327 29.70 10.43 -16.52
C LEU A 327 29.38 8.94 -16.59
N TRP A 328 28.18 8.58 -17.03
CA TRP A 328 27.73 7.18 -17.01
C TRP A 328 27.07 6.85 -18.32
N ASP A 329 27.38 5.68 -18.88
CA ASP A 329 26.70 5.23 -20.08
C ASP A 329 25.40 4.54 -19.69
N HIS A 330 24.32 4.89 -20.40
CA HIS A 330 22.97 4.49 -20.05
C HIS A 330 22.72 4.69 -18.55
N PRO A 331 22.80 5.93 -18.07
CA PRO A 331 22.80 6.15 -16.62
C PRO A 331 21.50 5.77 -15.95
N ASP A 332 20.39 5.81 -16.67
CA ASP A 332 19.09 5.47 -16.12
C ASP A 332 18.80 3.98 -16.19
N GLU A 333 19.78 3.17 -16.59
CA GLU A 333 19.64 1.72 -16.55
C GLU A 333 20.58 1.12 -15.51
N PHE A 334 20.14 0.02 -14.89
CA PHE A 334 20.87 -0.64 -13.80
C PHE A 334 21.83 -1.67 -14.39
N ARG A 335 23.13 -1.37 -14.35
CA ARG A 335 24.15 -2.19 -15.00
C ARG A 335 25.39 -2.31 -14.13
N PRO A 336 25.42 -3.29 -13.23
CA PRO A 336 26.60 -3.45 -12.36
C PRO A 336 27.88 -3.64 -13.13
N GLU A 337 27.83 -4.15 -14.36
CA GLU A 337 29.03 -4.40 -15.14
C GLU A 337 29.81 -3.12 -15.43
N ARG A 338 29.25 -1.95 -15.16
CA ARG A 338 30.00 -0.72 -15.45
C ARG A 338 31.20 -0.54 -14.53
N PHE A 339 31.36 -1.37 -13.51
CA PHE A 339 32.43 -1.21 -12.53
C PHE A 339 33.55 -2.23 -12.69
N ALA A 340 33.60 -2.94 -13.81
CA ALA A 340 34.63 -3.97 -13.99
C ALA A 340 36.00 -3.34 -14.23
N GLU A 341 36.78 -3.17 -13.16
CA GLU A 341 38.05 -2.44 -13.20
C GLU A 341 37.87 -1.14 -13.99
N ARG A 342 37.12 -0.21 -13.40
CA ARG A 342 36.87 1.10 -13.98
C ARG A 342 37.54 2.16 -13.12
N GLU A 343 38.06 3.20 -13.79
CA GLU A 343 38.66 4.33 -13.09
C GLU A 343 37.76 4.80 -11.96
N GLU A 344 38.32 4.96 -10.77
CA GLU A 344 37.57 5.44 -9.63
C GLU A 344 37.89 6.91 -9.41
N ASN A 345 36.91 7.76 -9.71
CA ASN A 345 36.98 9.18 -9.40
C ASN A 345 36.31 9.45 -8.07
N LEU A 346 36.47 10.67 -7.56
CA LEU A 346 35.88 11.07 -6.29
C LEU A 346 34.75 12.08 -6.45
N PHE A 347 34.31 12.33 -7.68
CA PHE A 347 33.27 13.32 -7.90
C PHE A 347 32.26 12.91 -8.97
N ASP A 348 32.44 11.77 -9.64
CA ASP A 348 31.43 11.32 -10.60
C ASP A 348 30.37 10.45 -9.93
N MET A 349 30.70 9.73 -8.87
CA MET A 349 29.72 8.99 -8.10
C MET A 349 29.77 9.48 -6.66
N ILE A 350 28.71 10.15 -6.22
CA ILE A 350 28.71 10.79 -4.92
C ILE A 350 27.44 10.46 -4.11
N PRO A 351 27.00 9.19 -4.03
CA PRO A 351 25.77 8.91 -3.28
C PRO A 351 25.90 9.16 -1.79
N GLN A 352 27.11 9.10 -1.26
CA GLN A 352 27.41 9.45 0.12
C GLN A 352 28.43 10.58 0.17
N GLY A 353 28.44 11.43 -0.85
CA GLY A 353 29.33 12.58 -0.89
C GLY A 353 30.50 12.35 -1.83
N GLY A 354 31.26 13.44 -2.04
CA GLY A 354 32.42 13.43 -2.89
C GLY A 354 33.64 13.96 -2.17
N GLY A 355 34.75 14.02 -2.91
CA GLY A 355 35.99 14.44 -2.31
C GLY A 355 36.56 13.36 -1.39
N HIS A 356 37.28 13.81 -0.36
CA HIS A 356 37.89 12.94 0.64
C HIS A 356 37.24 13.17 2.00
N ALA A 357 37.06 12.08 2.76
CA ALA A 357 36.34 12.17 4.03
C ALA A 357 37.17 12.83 5.12
N GLU A 358 38.49 12.76 5.05
CA GLU A 358 39.28 13.42 6.08
C GLU A 358 39.54 14.88 5.76
N LYS A 359 39.33 15.30 4.50
CA LYS A 359 39.49 16.69 4.08
C LYS A 359 38.16 17.39 3.82
N GLY A 360 37.04 16.80 4.22
CA GLY A 360 35.75 17.40 3.97
C GLY A 360 34.63 16.65 4.66
N HIS A 361 33.40 16.87 4.20
CA HIS A 361 32.23 16.36 4.89
C HIS A 361 31.73 15.03 4.33
N ARG A 362 32.47 14.41 3.41
CA ARG A 362 32.08 13.12 2.86
C ARG A 362 31.85 12.10 3.97
N CYS A 363 30.91 11.18 3.71
CA CYS A 363 30.42 10.23 4.72
C CYS A 363 31.55 9.33 5.24
N PRO A 364 31.81 9.29 6.54
CA PRO A 364 32.87 8.41 7.05
C PRO A 364 32.44 6.96 7.16
N GLY A 365 31.18 6.66 6.90
CA GLY A 365 30.69 5.30 7.07
C GLY A 365 30.41 4.61 5.75
N GLU A 366 30.97 5.14 4.67
CA GLU A 366 30.83 4.53 3.34
C GLU A 366 31.32 3.09 3.37
N GLY A 367 32.49 2.85 3.95
CA GLY A 367 33.02 1.50 4.03
C GLY A 367 32.10 0.57 4.81
N ILE A 368 31.60 1.03 5.95
CA ILE A 368 30.64 0.24 6.70
C ILE A 368 29.40 -0.02 5.85
N THR A 369 28.90 1.02 5.17
CA THR A 369 27.71 0.85 4.34
C THR A 369 27.92 -0.24 3.28
N ILE A 370 29.10 -0.31 2.69
CA ILE A 370 29.32 -1.22 1.57
C ILE A 370 29.53 -2.65 2.04
N GLU A 371 30.35 -2.85 3.07
CA GLU A 371 30.60 -4.21 3.57
C GLU A 371 29.32 -4.83 4.13
N VAL A 372 28.51 -4.04 4.83
CA VAL A 372 27.21 -4.56 5.28
C VAL A 372 26.36 -4.94 4.07
N MET A 373 26.38 -4.10 3.03
CA MET A 373 25.62 -4.42 1.82
C MET A 373 26.14 -5.71 1.18
N LYS A 374 27.46 -5.87 1.11
CA LYS A 374 28.05 -7.08 0.53
C LYS A 374 27.63 -8.32 1.31
N ALA A 375 27.75 -8.28 2.64
CA ALA A 375 27.34 -9.41 3.47
C ALA A 375 25.85 -9.70 3.32
N SER A 376 25.03 -8.65 3.35
CA SER A 376 23.59 -8.82 3.19
C SER A 376 23.26 -9.41 1.82
N LEU A 377 23.89 -8.89 0.77
CA LEU A 377 23.67 -9.41 -0.58
C LEU A 377 24.07 -10.88 -0.65
N ASP A 378 25.26 -11.20 -0.12
CA ASP A 378 25.71 -12.58 -0.07
C ASP A 378 24.67 -13.48 0.59
N PHE A 379 23.99 -12.97 1.63
CA PHE A 379 22.99 -13.76 2.33
C PHE A 379 21.77 -14.01 1.44
N LEU A 380 21.31 -13.00 0.71
CA LEU A 380 20.15 -13.20 -0.16
C LEU A 380 20.46 -14.13 -1.32
N VAL A 381 21.70 -14.17 -1.79
CA VAL A 381 22.04 -14.90 -2.99
C VAL A 381 22.37 -16.36 -2.70
N HIS A 382 23.19 -16.60 -1.67
CA HIS A 382 23.73 -17.94 -1.45
C HIS A 382 23.06 -18.72 -0.32
N GLN A 383 22.29 -18.07 0.56
CA GLN A 383 21.87 -18.69 1.79
C GLN A 383 20.40 -19.04 1.88
N ILE A 384 19.54 -18.44 1.05
CA ILE A 384 18.11 -18.69 1.15
C ILE A 384 17.50 -18.66 -0.24
N GLU A 385 16.43 -19.43 -0.41
CA GLU A 385 15.49 -19.31 -1.51
C GLU A 385 14.23 -18.61 -1.01
N TYR A 386 13.59 -17.85 -1.89
CA TYR A 386 12.37 -17.15 -1.50
C TYR A 386 11.61 -16.70 -2.73
N ASP A 387 10.30 -16.54 -2.56
CA ASP A 387 9.40 -15.98 -3.55
C ASP A 387 9.18 -14.48 -3.30
N VAL A 388 8.88 -13.75 -4.36
CA VAL A 388 8.46 -12.37 -4.18
C VAL A 388 6.99 -12.24 -4.57
N PRO A 389 6.07 -12.32 -3.60
CA PRO A 389 4.64 -12.38 -3.93
C PRO A 389 4.13 -11.06 -4.48
N GLU A 390 2.88 -11.11 -4.99
CA GLU A 390 2.23 -9.92 -5.51
C GLU A 390 2.23 -8.79 -4.48
N GLN A 391 2.79 -7.64 -4.86
CA GLN A 391 2.93 -6.51 -3.96
C GLN A 391 3.24 -5.27 -4.77
N SER A 392 3.06 -4.11 -4.15
CA SER A 392 3.46 -2.86 -4.77
C SER A 392 4.94 -2.63 -4.47
N LEU A 393 5.78 -2.76 -5.49
CA LEU A 393 7.20 -2.48 -5.40
C LEU A 393 7.55 -1.09 -5.89
N HIS A 394 6.55 -0.21 -6.07
CA HIS A 394 6.81 1.12 -6.58
C HIS A 394 7.50 1.97 -5.52
N TYR A 395 8.53 2.70 -5.94
CA TYR A 395 9.14 3.72 -5.10
C TYR A 395 9.06 5.06 -5.81
N SER A 396 8.75 6.11 -5.04
CA SER A 396 8.46 7.42 -5.58
C SER A 396 9.71 8.30 -5.58
N LEU A 397 9.98 8.96 -6.72
CA LEU A 397 11.04 9.96 -6.76
C LEU A 397 10.66 11.25 -6.05
N ALA A 398 9.45 11.33 -5.48
CA ALA A 398 9.01 12.51 -4.76
C ALA A 398 9.07 12.33 -3.26
N ARG A 399 9.18 11.10 -2.78
CA ARG A 399 9.32 10.81 -1.37
C ARG A 399 10.78 10.75 -1.00
N MET A 400 11.18 11.53 -0.01
CA MET A 400 12.58 11.62 0.38
C MET A 400 12.71 11.27 1.85
N PRO A 401 13.30 10.12 2.21
CA PRO A 401 13.85 9.15 1.25
C PRO A 401 12.78 8.27 0.61
N SER A 402 13.20 7.47 -0.36
CA SER A 402 12.30 6.64 -1.15
C SER A 402 12.48 5.19 -0.75
N LEU A 403 11.45 4.39 -1.00
CA LEU A 403 11.49 3.00 -0.61
C LEU A 403 10.45 2.26 -1.41
N PRO A 404 10.71 1.03 -1.85
CA PRO A 404 9.63 0.22 -2.44
C PRO A 404 8.48 0.09 -1.46
N GLU A 405 7.32 0.64 -1.85
CA GLU A 405 6.12 0.81 -1.04
C GLU A 405 5.85 -0.29 -0.01
N SER A 406 6.02 -1.55 -0.40
CA SER A 406 5.67 -2.69 0.45
C SER A 406 6.74 -3.02 1.48
N GLY A 407 7.93 -2.43 1.40
CA GLY A 407 9.04 -2.85 2.25
C GLY A 407 9.75 -4.10 1.77
N PHE A 408 9.33 -4.63 0.62
CA PHE A 408 9.84 -5.85 0.00
C PHE A 408 9.52 -7.09 0.82
N VAL A 409 8.35 -7.68 0.53
CA VAL A 409 7.86 -8.87 1.22
C VAL A 409 8.46 -10.12 0.58
N MET A 410 9.01 -11.00 1.41
CA MET A 410 9.52 -12.29 0.97
C MET A 410 8.69 -13.41 1.60
N SER A 411 8.45 -14.46 0.82
CA SER A 411 7.63 -15.57 1.31
C SER A 411 8.23 -16.88 0.83
N GLY A 412 7.80 -17.97 1.46
CA GLY A 412 8.34 -19.28 1.13
C GLY A 412 9.83 -19.38 1.33
N ILE A 413 10.34 -18.80 2.43
CA ILE A 413 11.77 -18.75 2.68
C ILE A 413 12.29 -20.10 3.12
N ARG A 414 13.44 -20.51 2.58
CA ARG A 414 14.01 -21.81 2.85
C ARG A 414 15.53 -21.76 2.84
N ARG A 415 16.14 -22.47 3.79
CA ARG A 415 17.59 -22.65 3.89
C ARG A 415 18.16 -23.21 2.59
N LYS A 416 19.49 -23.12 2.42
CA LYS A 416 20.15 -23.81 1.29
C LYS A 416 21.30 -24.70 1.75
N PRO B 6 -13.11 -31.51 -19.23
CA PRO B 6 -13.53 -32.11 -17.96
C PRO B 6 -12.45 -32.28 -16.87
N HIS B 7 -11.99 -33.47 -16.52
CA HIS B 7 -11.26 -33.64 -15.26
C HIS B 7 -9.98 -32.80 -15.16
N ASP B 8 -10.04 -31.68 -14.43
CA ASP B 8 -8.88 -30.92 -13.96
C ASP B 8 -8.61 -31.43 -12.54
N LYS B 9 -7.54 -32.20 -12.36
CA LYS B 9 -7.51 -32.97 -11.12
C LYS B 9 -6.16 -32.89 -10.42
N SER B 10 -5.54 -31.70 -10.36
CA SER B 10 -4.34 -31.57 -9.53
C SER B 10 -4.72 -31.64 -8.04
N LEU B 11 -5.10 -32.84 -7.56
CA LEU B 11 -5.59 -33.08 -6.20
C LEU B 11 -6.71 -32.10 -5.89
N ASP B 12 -6.74 -31.56 -4.67
CA ASP B 12 -7.65 -30.45 -4.37
C ASP B 12 -7.03 -29.17 -4.91
N ASN B 13 -7.84 -28.35 -5.57
CA ASN B 13 -7.37 -27.12 -6.20
C ASN B 13 -7.71 -25.87 -5.42
N SER B 14 -8.23 -26.01 -4.18
CA SER B 14 -8.75 -24.84 -3.47
C SER B 14 -7.66 -23.80 -3.25
N LEU B 15 -6.42 -24.26 -2.97
CA LEU B 15 -5.34 -23.30 -2.82
C LEU B 15 -5.06 -22.55 -4.13
N THR B 16 -5.10 -23.25 -5.26
CA THR B 16 -4.94 -22.60 -6.56
C THR B 16 -6.07 -21.60 -6.80
N LEU B 17 -7.31 -21.99 -6.51
CA LEU B 17 -8.42 -21.04 -6.63
C LEU B 17 -8.12 -19.77 -5.84
N LEU B 18 -7.65 -19.94 -4.59
CA LEU B 18 -7.24 -18.78 -3.80
C LEU B 18 -6.21 -17.95 -4.54
N LYS B 19 -5.22 -18.60 -5.13
CA LYS B 19 -4.16 -17.87 -5.81
C LYS B 19 -4.67 -17.16 -7.07
N GLU B 20 -5.61 -17.77 -7.81
CA GLU B 20 -5.98 -17.19 -9.09
C GLU B 20 -7.25 -16.32 -9.04
N GLY B 21 -8.14 -16.55 -8.06
CA GLY B 21 -9.23 -15.61 -7.82
C GLY B 21 -10.25 -15.60 -8.95
N TYR B 22 -10.58 -14.38 -9.43
CA TYR B 22 -11.52 -14.21 -10.54
C TYR B 22 -11.08 -14.94 -11.82
N LEU B 23 -9.80 -15.24 -11.97
CA LEU B 23 -9.37 -15.89 -13.19
C LEU B 23 -9.35 -17.40 -13.09
N PHE B 24 -9.69 -17.99 -11.95
CA PHE B 24 -9.51 -19.43 -11.80
C PHE B 24 -10.33 -20.20 -12.84
N ILE B 25 -11.64 -19.95 -12.95
CA ILE B 25 -12.46 -20.75 -13.85
C ILE B 25 -12.14 -20.42 -15.30
N LYS B 26 -11.96 -19.14 -15.60
CA LYS B 26 -11.74 -18.69 -16.98
C LYS B 26 -10.44 -19.27 -17.53
N ASN B 27 -9.36 -19.23 -16.74
CA ASN B 27 -8.09 -19.81 -17.19
C ASN B 27 -8.25 -21.26 -17.62
N ARG B 28 -9.12 -22.00 -16.95
CA ARG B 28 -9.26 -23.42 -17.25
C ARG B 28 -10.31 -23.71 -18.32
N THR B 29 -11.39 -22.90 -18.41
CA THR B 29 -12.36 -23.10 -19.47
C THR B 29 -11.76 -22.79 -20.83
N GLU B 30 -10.83 -21.83 -20.88
CA GLU B 30 -10.10 -21.63 -22.12
C GLU B 30 -9.08 -22.75 -22.36
N ARG B 31 -8.37 -23.18 -21.33
CA ARG B 31 -7.35 -24.21 -21.45
C ARG B 31 -7.93 -25.50 -22.02
N TYR B 32 -9.10 -25.92 -21.54
CA TYR B 32 -9.72 -27.15 -22.00
C TYR B 32 -10.63 -26.91 -23.18
N ASN B 33 -10.61 -25.69 -23.73
CA ASN B 33 -11.60 -25.18 -24.67
C ASN B 33 -12.99 -25.77 -24.39
N SER B 34 -13.57 -25.39 -23.26
CA SER B 34 -14.76 -26.07 -22.79
C SER B 34 -15.50 -25.18 -21.80
N ASP B 35 -16.81 -25.07 -21.96
CA ASP B 35 -17.62 -24.32 -21.02
C ASP B 35 -17.77 -25.00 -19.66
N LEU B 36 -17.16 -26.18 -19.47
CA LEU B 36 -17.25 -26.85 -18.18
C LEU B 36 -16.09 -27.81 -18.00
N PHE B 37 -15.58 -27.85 -16.77
CA PHE B 37 -14.58 -28.80 -16.37
C PHE B 37 -14.87 -29.23 -14.94
N GLN B 38 -14.20 -30.30 -14.54
CA GLN B 38 -14.34 -30.87 -13.22
C GLN B 38 -13.16 -30.49 -12.32
N ALA B 39 -13.39 -30.48 -11.02
CA ALA B 39 -12.33 -30.07 -10.12
C ALA B 39 -12.72 -30.47 -8.71
N ARG B 40 -11.72 -30.88 -7.93
CA ARG B 40 -11.91 -31.05 -6.50
C ARG B 40 -11.71 -29.70 -5.82
N LEU B 41 -12.73 -29.22 -5.12
CA LEU B 41 -12.71 -27.91 -4.49
C LEU B 41 -13.48 -27.98 -3.18
N LEU B 42 -13.00 -27.23 -2.19
CA LEU B 42 -13.62 -27.20 -0.86
C LEU B 42 -13.84 -28.61 -0.32
N GLY B 43 -12.98 -29.55 -0.73
CA GLY B 43 -13.09 -30.93 -0.35
C GLY B 43 -14.22 -31.69 -1.01
N LYS B 44 -14.78 -31.16 -2.10
CA LYS B 44 -15.89 -31.79 -2.82
C LYS B 44 -15.56 -31.87 -4.30
N ASN B 45 -16.28 -32.72 -5.01
CA ASN B 45 -16.20 -32.71 -6.47
C ASN B 45 -17.13 -31.63 -7.02
N PHE B 46 -16.55 -30.74 -7.84
CA PHE B 46 -17.24 -29.64 -8.47
C PHE B 46 -17.26 -29.80 -9.98
N ILE B 47 -18.31 -29.30 -10.61
CA ILE B 47 -18.29 -28.92 -12.01
C ILE B 47 -18.30 -27.40 -12.03
N CYS B 48 -17.33 -26.82 -12.73
CA CYS B 48 -17.29 -25.38 -12.93
C CYS B 48 -17.77 -25.08 -14.34
N MET B 49 -18.65 -24.09 -14.49
CA MET B 49 -19.18 -23.78 -15.80
C MET B 49 -19.29 -22.28 -16.00
N THR B 50 -19.32 -21.88 -17.28
CA THR B 50 -19.29 -20.48 -17.67
C THR B 50 -20.11 -20.29 -18.93
N GLY B 51 -20.63 -19.08 -19.10
CA GLY B 51 -21.30 -18.67 -20.31
C GLY B 51 -22.81 -18.52 -20.12
N ALA B 52 -23.43 -17.77 -21.04
CA ALA B 52 -24.84 -17.40 -20.87
C ALA B 52 -25.72 -18.66 -20.83
N GLU B 53 -25.38 -19.66 -21.64
CA GLU B 53 -26.14 -20.91 -21.63
C GLU B 53 -25.96 -21.66 -20.31
N ALA B 54 -24.74 -21.74 -19.77
CA ALA B 54 -24.56 -22.35 -18.47
C ALA B 54 -25.30 -21.56 -17.41
N ALA B 55 -25.33 -20.24 -17.54
CA ALA B 55 -26.12 -19.42 -16.62
C ALA B 55 -27.59 -19.84 -16.64
N LYS B 56 -28.15 -20.09 -17.83
CA LYS B 56 -29.56 -20.48 -17.89
C LYS B 56 -29.79 -21.81 -17.16
N VAL B 57 -28.93 -22.79 -17.39
CA VAL B 57 -29.06 -24.09 -16.72
C VAL B 57 -28.96 -23.92 -15.21
N PHE B 58 -27.95 -23.15 -14.76
CA PHE B 58 -27.72 -22.93 -13.35
C PHE B 58 -28.96 -22.35 -12.65
N TYR B 59 -29.79 -21.59 -13.36
CA TYR B 59 -30.94 -20.97 -12.73
C TYR B 59 -32.23 -21.79 -12.92
N ASP B 60 -32.13 -23.00 -13.47
CA ASP B 60 -33.26 -23.94 -13.50
C ASP B 60 -33.40 -24.58 -12.13
N THR B 61 -34.46 -24.23 -11.40
CA THR B 61 -34.60 -24.64 -9.99
C THR B 61 -35.21 -26.03 -9.83
N ASP B 62 -35.50 -26.74 -10.94
CA ASP B 62 -35.72 -28.17 -10.91
C ASP B 62 -34.42 -28.96 -11.01
N ARG B 63 -33.36 -28.34 -11.50
CA ARG B 63 -32.04 -28.97 -11.61
C ARG B 63 -31.10 -28.58 -10.48
N PHE B 64 -31.26 -27.41 -9.89
CA PHE B 64 -30.33 -26.88 -8.91
C PHE B 64 -31.04 -26.33 -7.68
N GLN B 65 -30.42 -26.57 -6.52
CA GLN B 65 -30.92 -26.09 -5.24
C GLN B 65 -29.77 -25.34 -4.59
N ARG B 66 -30.10 -24.46 -3.65
CA ARG B 66 -29.07 -23.80 -2.86
C ARG B 66 -28.92 -24.39 -1.46
N GLN B 67 -29.84 -25.23 -1.02
CA GLN B 67 -29.72 -25.79 0.31
C GLN B 67 -28.43 -26.60 0.43
N ASN B 68 -27.64 -26.28 1.46
CA ASN B 68 -26.38 -26.92 1.77
C ASN B 68 -25.28 -26.59 0.77
N ALA B 69 -25.42 -25.50 0.02
CA ALA B 69 -24.45 -25.12 -1.00
C ALA B 69 -23.52 -24.00 -0.56
N LEU B 70 -23.98 -23.10 0.29
CA LEU B 70 -23.16 -22.00 0.79
C LEU B 70 -22.19 -22.53 1.85
N PRO B 71 -20.87 -22.41 1.66
CA PRO B 71 -19.95 -22.97 2.68
C PRO B 71 -20.19 -22.37 4.05
N LYS B 72 -20.02 -23.20 5.08
CA LYS B 72 -20.25 -22.75 6.45
C LYS B 72 -19.38 -21.54 6.80
N ARG B 73 -18.11 -21.55 6.39
CA ARG B 73 -17.22 -20.42 6.69
C ARG B 73 -17.76 -19.12 6.13
N VAL B 74 -18.54 -19.19 5.05
CA VAL B 74 -19.09 -17.99 4.44
C VAL B 74 -20.35 -17.53 5.20
N GLN B 75 -21.17 -18.47 5.67
CA GLN B 75 -22.30 -18.13 6.53
C GLN B 75 -21.84 -17.47 7.83
N LYS B 76 -20.70 -17.91 8.37
CA LYS B 76 -20.23 -17.44 9.66
C LYS B 76 -19.42 -16.14 9.59
N SER B 77 -19.14 -15.64 8.39
CA SER B 77 -18.47 -14.35 8.22
C SER B 77 -19.33 -13.41 7.38
N GLY B 78 -19.50 -13.70 6.10
CA GLY B 78 -20.12 -12.72 5.21
C GLY B 78 -21.62 -12.53 5.41
N PHE B 79 -22.37 -13.63 5.59
CA PHE B 79 -23.77 -13.60 5.17
C PHE B 79 -24.80 -14.04 6.20
N GLY B 80 -24.40 -14.74 7.27
CA GLY B 80 -25.32 -15.29 8.25
C GLY B 80 -25.58 -16.77 8.02
N VAL B 81 -25.95 -17.45 9.10
CA VAL B 81 -26.26 -18.88 9.05
C VAL B 81 -27.73 -19.07 8.73
N ASN B 82 -28.01 -19.90 7.71
CA ASN B 82 -29.38 -20.28 7.35
C ASN B 82 -30.22 -19.12 6.82
N ALA B 83 -29.62 -18.18 6.11
CA ALA B 83 -30.36 -17.03 5.60
C ALA B 83 -30.94 -17.35 4.22
N ILE B 84 -31.44 -16.32 3.54
CA ILE B 84 -32.15 -16.48 2.27
C ILE B 84 -31.27 -17.16 1.21
N PHE B 85 -29.95 -16.89 1.23
CA PHE B 85 -29.07 -17.46 0.20
C PHE B 85 -29.14 -18.97 0.13
N GLY B 86 -29.57 -19.65 1.19
CA GLY B 86 -29.56 -21.10 1.23
C GLY B 86 -30.92 -21.77 1.17
N MET B 87 -31.99 -21.04 0.81
CA MET B 87 -33.34 -21.54 0.82
C MET B 87 -33.82 -21.90 -0.59
N ASP B 88 -34.69 -22.91 -0.68
CA ASP B 88 -35.28 -23.31 -1.94
C ASP B 88 -36.82 -23.30 -1.85
N GLY B 89 -37.47 -23.44 -3.01
CA GLY B 89 -38.90 -23.68 -3.06
C GLY B 89 -39.73 -22.50 -2.59
N SER B 90 -40.95 -22.84 -2.16
CA SER B 90 -41.92 -21.80 -1.79
C SER B 90 -41.46 -21.00 -0.57
N ALA B 91 -40.71 -21.61 0.33
CA ALA B 91 -40.23 -20.86 1.48
C ALA B 91 -39.24 -19.80 1.05
N HIS B 92 -38.37 -20.12 0.08
CA HIS B 92 -37.44 -19.12 -0.43
C HIS B 92 -38.19 -17.99 -1.15
N ILE B 93 -39.13 -18.35 -2.04
CA ILE B 93 -39.88 -17.32 -2.77
C ILE B 93 -40.59 -16.41 -1.79
N HIS B 94 -41.18 -17.00 -0.75
CA HIS B 94 -41.87 -16.21 0.27
C HIS B 94 -40.95 -15.17 0.87
N ARG B 95 -39.76 -15.59 1.33
CA ARG B 95 -38.86 -14.61 1.91
C ARG B 95 -38.33 -13.64 0.86
N LYS B 96 -38.10 -14.11 -0.38
CA LYS B 96 -37.62 -13.22 -1.44
C LYS B 96 -38.60 -12.05 -1.69
N MET B 97 -39.92 -12.28 -1.57
CA MET B 97 -40.87 -11.19 -1.78
C MET B 97 -40.74 -10.10 -0.72
N LEU B 98 -40.36 -10.45 0.51
CA LEU B 98 -40.07 -9.44 1.53
C LEU B 98 -38.96 -8.52 1.05
N PHE B 99 -37.84 -9.09 0.61
CA PHE B 99 -36.74 -8.29 0.10
C PHE B 99 -37.19 -7.45 -1.10
N LEU B 100 -37.86 -8.06 -2.07
CA LEU B 100 -38.25 -7.32 -3.26
C LEU B 100 -39.10 -6.10 -2.90
N SER B 101 -40.01 -6.25 -1.91
CA SER B 101 -40.89 -5.13 -1.54
C SER B 101 -40.13 -3.94 -0.97
N LEU B 102 -38.89 -4.14 -0.51
CA LEU B 102 -38.10 -3.07 0.05
C LEU B 102 -37.16 -2.44 -0.97
N MET B 103 -37.22 -2.86 -2.23
CA MET B 103 -36.19 -2.46 -3.19
C MET B 103 -36.79 -2.01 -4.52
N THR B 104 -38.08 -1.66 -4.52
CA THR B 104 -38.77 -1.14 -5.68
C THR B 104 -38.28 0.25 -6.05
N PRO B 105 -38.69 0.78 -7.20
CA PRO B 105 -38.19 2.10 -7.65
C PRO B 105 -38.41 3.23 -6.64
N PRO B 106 -39.51 3.27 -5.89
CA PRO B 106 -39.60 4.34 -4.87
C PRO B 106 -38.47 4.26 -3.85
N HIS B 107 -38.07 3.05 -3.44
CA HIS B 107 -36.95 2.92 -2.52
C HIS B 107 -35.63 3.28 -3.18
N GLN B 108 -35.45 2.84 -4.43
CA GLN B 108 -34.22 3.16 -5.15
C GLN B 108 -34.07 4.67 -5.25
N LYS B 109 -35.15 5.34 -5.62
CA LYS B 109 -35.15 6.80 -5.72
C LYS B 109 -34.85 7.44 -4.37
N ARG B 110 -35.48 6.96 -3.30
CA ARG B 110 -35.23 7.56 -2.00
C ARG B 110 -33.76 7.39 -1.58
N LEU B 111 -33.21 6.18 -1.73
CA LEU B 111 -31.79 5.99 -1.40
C LEU B 111 -30.89 6.88 -2.25
N ALA B 112 -31.15 6.96 -3.56
CA ALA B 112 -30.34 7.81 -4.43
C ALA B 112 -30.39 9.27 -3.97
N GLU B 113 -31.58 9.76 -3.62
CA GLU B 113 -31.72 11.16 -3.20
C GLU B 113 -30.97 11.42 -1.90
N LEU B 114 -31.10 10.51 -0.94
CA LEU B 114 -30.35 10.62 0.31
C LEU B 114 -28.85 10.69 0.04
N MET B 115 -28.34 9.85 -0.88
CA MET B 115 -26.95 9.93 -1.26
C MET B 115 -26.61 11.30 -1.85
N THR B 116 -27.43 11.79 -2.80
CA THR B 116 -27.12 13.08 -3.41
C THR B 116 -27.01 14.18 -2.36
N GLU B 117 -27.93 14.20 -1.38
CA GLU B 117 -27.87 15.17 -0.31
C GLU B 117 -26.58 15.00 0.51
N GLU B 118 -26.14 13.75 0.73
CA GLU B 118 -24.96 13.52 1.55
C GLU B 118 -23.68 13.95 0.82
N TRP B 119 -23.58 13.66 -0.47
CA TRP B 119 -22.42 14.10 -1.26
C TRP B 119 -22.34 15.63 -1.27
N LYS B 120 -23.46 16.31 -1.52
CA LYS B 120 -23.42 17.77 -1.51
C LYS B 120 -23.00 18.29 -0.16
N ALA B 121 -23.50 17.66 0.91
CA ALA B 121 -23.12 18.10 2.24
C ALA B 121 -21.63 17.92 2.46
N ALA B 122 -21.08 16.77 2.06
CA ALA B 122 -19.67 16.50 2.33
C ALA B 122 -18.73 17.51 1.68
N VAL B 123 -19.19 18.27 0.68
CA VAL B 123 -18.30 19.21 -0.01
C VAL B 123 -17.80 20.26 0.98
N THR B 124 -18.67 20.71 1.88
CA THR B 124 -18.30 21.73 2.86
C THR B 124 -17.10 21.32 3.70
N ARG B 125 -16.87 20.01 3.86
CA ARG B 125 -15.74 19.49 4.59
C ARG B 125 -14.57 19.12 3.68
N TRP B 126 -14.83 18.51 2.52
CA TRP B 126 -13.74 18.07 1.64
C TRP B 126 -12.88 19.25 1.18
N GLU B 127 -13.48 20.40 0.86
CA GLU B 127 -12.61 21.47 0.39
C GLU B 127 -11.81 22.10 1.54
N LYS B 128 -12.19 21.86 2.79
CA LYS B 128 -11.34 22.30 3.89
C LYS B 128 -10.25 21.30 4.20
N ALA B 129 -10.31 20.11 3.62
CA ALA B 129 -9.31 19.08 3.84
C ALA B 129 -8.31 19.02 2.69
N ASP B 130 -7.19 18.36 2.96
CA ASP B 130 -6.13 18.23 1.97
C ASP B 130 -6.41 17.09 1.00
N GLU B 131 -6.79 15.92 1.53
CA GLU B 131 -7.12 14.74 0.75
C GLU B 131 -8.28 14.00 1.41
N VAL B 132 -9.04 13.25 0.62
CA VAL B 132 -9.99 12.27 1.14
C VAL B 132 -9.74 10.94 0.46
N VAL B 133 -10.10 9.87 1.15
CA VAL B 133 -10.06 8.52 0.61
C VAL B 133 -11.48 8.15 0.24
N LEU B 134 -11.78 8.13 -1.06
CA LEU B 134 -13.14 7.88 -1.51
C LEU B 134 -13.77 6.65 -0.87
N PHE B 135 -13.04 5.53 -0.80
CA PHE B 135 -13.63 4.31 -0.26
C PHE B 135 -14.07 4.50 1.19
N GLU B 136 -13.26 5.18 1.99
CA GLU B 136 -13.62 5.42 3.38
C GLU B 136 -14.81 6.37 3.48
N GLU B 137 -14.83 7.43 2.67
CA GLU B 137 -15.97 8.35 2.69
C GLU B 137 -17.24 7.64 2.23
N ALA B 138 -17.15 6.80 1.21
CA ALA B 138 -18.33 6.10 0.73
C ALA B 138 -18.89 5.16 1.79
N LYS B 139 -18.00 4.53 2.57
CA LYS B 139 -18.41 3.57 3.60
C LYS B 139 -19.29 4.23 4.65
N GLU B 140 -18.84 5.36 5.17
CA GLU B 140 -19.59 6.00 6.25
C GLU B 140 -20.89 6.59 5.74
N ILE B 141 -20.84 7.22 4.56
CA ILE B 141 -22.04 7.80 3.97
C ILE B 141 -23.08 6.71 3.71
N LEU B 142 -22.67 5.65 2.99
CA LEU B 142 -23.60 4.56 2.70
C LEU B 142 -24.16 3.95 3.99
N CYS B 143 -23.30 3.77 5.01
CA CYS B 143 -23.78 3.22 6.28
C CYS B 143 -24.81 4.13 6.93
N ARG B 144 -24.53 5.42 7.00
CA ARG B 144 -25.49 6.38 7.56
C ARG B 144 -26.80 6.39 6.76
N VAL B 145 -26.70 6.46 5.42
CA VAL B 145 -27.91 6.50 4.58
C VAL B 145 -28.70 5.20 4.72
N ALA B 146 -28.01 4.06 4.64
CA ALA B 146 -28.68 2.76 4.79
C ALA B 146 -29.48 2.70 6.08
N CYS B 147 -28.87 3.04 7.21
CA CYS B 147 -29.58 2.92 8.48
C CYS B 147 -30.74 3.88 8.57
N TYR B 148 -30.55 5.10 8.06
CA TYR B 148 -31.62 6.09 8.14
C TYR B 148 -32.83 5.67 7.32
N TRP B 149 -32.61 5.29 6.04
CA TRP B 149 -33.69 4.81 5.19
C TRP B 149 -34.35 3.55 5.76
N ALA B 150 -33.58 2.71 6.47
CA ALA B 150 -34.17 1.48 7.01
C ALA B 150 -34.86 1.71 8.35
N GLY B 151 -34.65 2.86 9.00
CA GLY B 151 -35.22 3.11 10.31
C GLY B 151 -34.38 2.60 11.48
N VAL B 152 -33.14 2.19 11.22
CA VAL B 152 -32.20 1.71 12.22
C VAL B 152 -31.52 2.89 12.89
N PRO B 153 -31.68 3.10 14.20
CA PRO B 153 -30.99 4.20 14.86
C PRO B 153 -29.48 4.02 14.77
N LEU B 154 -28.78 5.13 14.53
CA LEU B 154 -27.34 5.08 14.31
C LEU B 154 -26.73 6.36 14.89
N LYS B 155 -26.01 6.22 15.99
CA LYS B 155 -25.36 7.32 16.67
C LYS B 155 -24.10 7.74 15.91
N GLU B 156 -23.83 9.04 15.87
CA GLU B 156 -22.69 9.55 15.08
C GLU B 156 -21.37 8.93 15.55
N THR B 157 -21.19 8.79 16.86
CA THR B 157 -19.97 8.20 17.40
C THR B 157 -19.77 6.74 17.00
N GLU B 158 -20.77 6.07 16.40
CA GLU B 158 -20.61 4.67 16.01
C GLU B 158 -20.68 4.44 14.50
N VAL B 159 -20.91 5.46 13.67
CA VAL B 159 -21.00 5.29 12.22
C VAL B 159 -19.79 4.54 11.68
N LYS B 160 -18.59 5.03 12.00
CA LYS B 160 -17.39 4.40 11.43
C LYS B 160 -17.24 2.96 11.90
N GLU B 161 -17.50 2.66 13.18
CA GLU B 161 -17.36 1.28 13.66
C GLU B 161 -18.39 0.34 13.04
N ARG B 162 -19.63 0.79 12.85
CA ARG B 162 -20.60 -0.08 12.20
C ARG B 162 -20.26 -0.27 10.72
N ALA B 163 -19.82 0.80 10.06
CA ALA B 163 -19.45 0.67 8.66
C ALA B 163 -18.25 -0.28 8.49
N ASP B 164 -17.25 -0.16 9.38
CA ASP B 164 -16.11 -1.09 9.35
C ASP B 164 -16.55 -2.54 9.54
N ASP B 165 -17.48 -2.78 10.46
CA ASP B 165 -17.91 -4.14 10.69
C ASP B 165 -18.60 -4.72 9.45
N PHE B 166 -19.35 -3.89 8.71
CA PHE B 166 -19.98 -4.36 7.48
C PHE B 166 -18.93 -4.76 6.45
N ILE B 167 -17.90 -3.92 6.26
CA ILE B 167 -16.87 -4.23 5.28
C ILE B 167 -16.01 -5.43 5.72
N ASP B 168 -15.69 -5.53 7.02
CA ASP B 168 -14.97 -6.70 7.51
C ASP B 168 -15.70 -7.99 7.15
N MET B 169 -17.04 -7.99 7.26
CA MET B 169 -17.80 -9.16 6.81
C MET B 169 -17.62 -9.39 5.31
N VAL B 170 -17.85 -8.35 4.50
CA VAL B 170 -17.75 -8.46 3.05
C VAL B 170 -16.40 -9.04 2.66
N ASP B 171 -15.33 -8.51 3.27
CA ASP B 171 -13.96 -8.82 2.91
C ASP B 171 -13.47 -10.15 3.50
N ALA B 172 -14.32 -10.87 4.26
CA ALA B 172 -13.87 -12.09 4.94
C ALA B 172 -14.23 -13.37 4.20
N SER B 173 -15.34 -13.39 3.47
CA SER B 173 -15.83 -14.61 2.81
C SER B 173 -14.75 -15.30 1.99
N GLY B 174 -13.98 -14.55 1.22
CA GLY B 174 -13.07 -15.17 0.28
C GLY B 174 -11.63 -15.22 0.75
N ALA B 175 -11.42 -15.08 2.06
CA ALA B 175 -10.07 -14.98 2.61
C ALA B 175 -9.81 -16.08 3.62
N VAL B 176 -8.52 -16.31 3.89
CA VAL B 176 -8.07 -17.13 5.01
C VAL B 176 -7.16 -16.26 5.89
N GLY B 177 -7.01 -16.68 7.14
CA GLY B 177 -6.13 -15.98 8.05
C GLY B 177 -6.75 -14.71 8.60
N PRO B 178 -5.94 -13.70 8.87
CA PRO B 178 -6.43 -12.57 9.70
C PRO B 178 -7.63 -11.86 9.09
N ARG B 179 -7.62 -11.71 7.77
CA ARG B 179 -8.74 -11.07 7.09
C ARG B 179 -10.03 -11.84 7.30
N HIS B 180 -9.94 -13.18 7.37
CA HIS B 180 -11.14 -13.97 7.59
C HIS B 180 -11.66 -13.81 9.03
N TRP B 181 -10.75 -13.78 10.01
CA TRP B 181 -11.13 -13.59 11.41
C TRP B 181 -11.86 -12.27 11.69
N LYS B 182 -11.51 -11.19 10.98
CA LYS B 182 -12.21 -9.93 11.23
C LYS B 182 -13.69 -10.07 10.93
N GLY B 183 -14.02 -10.76 9.84
CA GLY B 183 -15.41 -11.02 9.54
C GLY B 183 -16.06 -11.94 10.56
N ARG B 184 -15.30 -12.94 11.05
CA ARG B 184 -15.80 -13.81 12.10
C ARG B 184 -16.10 -13.05 13.39
N ARG B 185 -15.31 -12.00 13.70
CA ARG B 185 -15.58 -11.21 14.89
C ARG B 185 -16.68 -10.17 14.68
N ALA B 186 -16.80 -9.64 13.46
CA ALA B 186 -17.76 -8.56 13.21
C ALA B 186 -19.19 -9.08 13.20
N ARG B 187 -19.42 -10.25 12.61
CA ARG B 187 -20.78 -10.77 12.49
C ARG B 187 -21.53 -10.88 13.84
N PRO B 188 -20.95 -11.43 14.93
CA PRO B 188 -21.74 -11.45 16.18
C PRO B 188 -22.02 -10.06 16.73
N ARG B 189 -21.07 -9.12 16.60
CA ARG B 189 -21.34 -7.75 17.03
C ARG B 189 -22.56 -7.18 16.32
N ALA B 190 -22.64 -7.38 14.99
CA ALA B 190 -23.74 -6.78 14.25
C ALA B 190 -25.05 -7.53 14.50
N GLU B 191 -24.99 -8.86 14.58
CA GLU B 191 -26.22 -9.61 14.82
C GLU B 191 -26.82 -9.25 16.18
N GLU B 192 -25.99 -9.11 17.22
CA GLU B 192 -26.48 -8.74 18.54
C GLU B 192 -27.11 -7.35 18.53
N TRP B 193 -26.42 -6.39 17.91
CA TRP B 193 -26.87 -5.01 17.83
C TRP B 193 -28.29 -4.94 17.23
N ILE B 194 -28.47 -5.55 16.06
CA ILE B 194 -29.75 -5.52 15.36
C ILE B 194 -30.79 -6.37 16.08
N GLU B 195 -30.37 -7.47 16.73
CA GLU B 195 -31.34 -8.36 17.38
C GLU B 195 -32.15 -7.65 18.46
N VAL B 196 -31.46 -6.92 19.33
CA VAL B 196 -32.13 -6.14 20.37
C VAL B 196 -33.09 -5.11 19.75
N MET B 197 -32.71 -4.56 18.57
CA MET B 197 -33.61 -3.66 17.86
C MET B 197 -34.89 -4.36 17.44
N ILE B 198 -34.76 -5.56 16.86
CA ILE B 198 -35.95 -6.33 16.52
C ILE B 198 -36.83 -6.52 17.75
N GLU B 199 -36.24 -6.90 18.88
CA GLU B 199 -37.03 -7.23 20.07
C GLU B 199 -37.66 -5.99 20.69
N ASP B 200 -36.90 -4.89 20.81
CA ASP B 200 -37.48 -3.64 21.24
C ASP B 200 -38.60 -3.19 20.30
N ALA B 201 -38.43 -3.40 18.98
CA ALA B 201 -39.46 -3.00 18.04
C ALA B 201 -40.72 -3.84 18.23
N ARG B 202 -40.55 -5.14 18.44
CA ARG B 202 -41.70 -6.03 18.69
C ARG B 202 -42.38 -5.73 20.01
N ALA B 203 -41.68 -5.08 20.94
CA ALA B 203 -42.27 -4.69 22.22
C ALA B 203 -42.74 -3.25 22.23
N GLY B 204 -42.62 -2.53 21.11
CA GLY B 204 -43.07 -1.16 21.06
C GLY B 204 -42.14 -0.18 21.77
N LEU B 205 -40.95 -0.61 22.15
CA LEU B 205 -40.03 0.29 22.84
C LEU B 205 -39.11 1.03 21.87
N LEU B 206 -39.27 0.81 20.56
CA LEU B 206 -38.50 1.50 19.53
C LEU B 206 -39.46 1.88 18.41
N LYS B 207 -39.58 3.18 18.13
CA LYS B 207 -40.45 3.62 17.04
C LYS B 207 -40.02 2.98 15.71
N THR B 208 -40.98 2.35 15.03
CA THR B 208 -40.79 1.86 13.67
C THR B 208 -41.85 2.45 12.76
N THR B 209 -41.62 2.34 11.45
CA THR B 209 -42.48 2.96 10.43
C THR B 209 -42.81 1.91 9.38
N SER B 210 -44.09 1.71 9.15
CA SER B 210 -44.54 0.74 8.16
C SER B 210 -43.89 1.02 6.80
N GLY B 211 -43.42 -0.03 6.13
CA GLY B 211 -42.80 0.09 4.84
C GLY B 211 -41.30 0.29 4.85
N THR B 212 -40.66 0.33 6.00
CA THR B 212 -39.20 0.43 6.03
C THR B 212 -38.62 -0.89 6.49
N ALA B 213 -37.33 -1.08 6.23
CA ALA B 213 -36.71 -2.40 6.38
C ALA B 213 -36.80 -2.92 7.83
N LEU B 214 -36.49 -2.07 8.83
CA LEU B 214 -36.58 -2.53 10.21
C LEU B 214 -37.99 -3.04 10.54
N HIS B 215 -39.02 -2.25 10.23
CA HIS B 215 -40.37 -2.65 10.56
C HIS B 215 -40.75 -3.93 9.81
N GLU B 216 -40.38 -4.03 8.53
CA GLU B 216 -40.86 -5.15 7.75
C GLU B 216 -40.12 -6.43 8.10
N MET B 217 -38.83 -6.35 8.45
CA MET B 217 -38.16 -7.54 8.98
C MET B 217 -38.68 -7.90 10.37
N ALA B 218 -39.00 -6.91 11.20
CA ALA B 218 -39.42 -7.24 12.57
C ALA B 218 -40.77 -7.94 12.59
N PHE B 219 -41.66 -7.62 11.63
CA PHE B 219 -43.03 -8.09 11.67
C PHE B 219 -43.40 -9.03 10.53
N HIS B 220 -42.43 -9.39 9.67
CA HIS B 220 -42.63 -10.39 8.64
C HIS B 220 -43.13 -11.69 9.26
N THR B 221 -44.16 -12.27 8.63
CA THR B 221 -44.57 -13.63 8.97
C THR B 221 -44.31 -14.58 7.79
N GLN B 222 -43.89 -15.80 8.14
CA GLN B 222 -43.58 -16.87 7.20
C GLN B 222 -44.86 -17.53 6.68
N GLU B 223 -44.73 -18.59 5.90
CA GLU B 223 -45.93 -19.23 5.32
C GLU B 223 -46.85 -19.76 6.39
N ASP B 224 -46.32 -20.21 7.53
CA ASP B 224 -47.17 -20.71 8.61
C ASP B 224 -47.67 -19.59 9.53
N GLY B 225 -47.40 -18.32 9.21
CA GLY B 225 -47.89 -17.21 10.00
C GLY B 225 -47.10 -16.87 11.23
N SER B 226 -45.99 -17.56 11.49
CA SER B 226 -45.12 -17.19 12.59
C SER B 226 -44.10 -16.15 12.13
N GLN B 227 -43.71 -15.28 13.06
CA GLN B 227 -42.63 -14.34 12.85
C GLN B 227 -41.30 -15.07 12.72
N LEU B 228 -40.29 -14.40 12.17
CA LEU B 228 -38.94 -14.96 12.18
C LEU B 228 -38.40 -14.93 13.61
N ASP B 229 -37.50 -15.88 13.93
CA ASP B 229 -36.71 -15.77 15.15
C ASP B 229 -36.06 -14.39 15.18
N SER B 230 -36.02 -13.77 16.35
CA SER B 230 -35.45 -12.42 16.38
C SER B 230 -34.03 -12.41 15.82
N ARG B 231 -33.26 -13.50 16.00
CA ARG B 231 -31.91 -13.55 15.42
C ARG B 231 -31.96 -13.66 13.89
N MET B 232 -32.90 -14.46 13.36
CA MET B 232 -33.05 -14.55 11.91
C MET B 232 -33.50 -13.23 11.32
N ALA B 233 -34.42 -12.53 12.00
CA ALA B 233 -34.86 -11.22 11.52
C ALA B 233 -33.68 -10.26 11.46
N ALA B 234 -32.79 -10.32 12.45
CA ALA B 234 -31.63 -9.46 12.45
C ALA B 234 -30.68 -9.84 11.29
N ILE B 235 -30.50 -11.15 11.06
CA ILE B 235 -29.62 -11.61 10.00
C ILE B 235 -30.11 -11.11 8.65
N GLU B 236 -31.43 -11.12 8.43
CA GLU B 236 -31.93 -10.70 7.14
C GLU B 236 -31.91 -9.18 7.00
N LEU B 237 -32.03 -8.42 8.10
CA LEU B 237 -31.88 -6.97 7.99
C LEU B 237 -30.43 -6.62 7.66
N ILE B 238 -29.46 -7.34 8.24
CA ILE B 238 -28.07 -7.13 7.86
C ILE B 238 -27.86 -7.46 6.38
N ASN B 239 -28.67 -8.36 5.81
CA ASN B 239 -28.58 -8.64 4.38
C ASN B 239 -29.24 -7.56 3.53
N VAL B 240 -29.74 -6.51 4.17
CA VAL B 240 -30.07 -5.26 3.51
C VAL B 240 -29.00 -4.19 3.76
N LEU B 241 -28.58 -4.00 5.02
CA LEU B 241 -27.65 -2.92 5.35
C LEU B 241 -26.25 -3.19 4.81
N ARG B 242 -25.76 -4.42 4.94
CA ARG B 242 -24.39 -4.71 4.53
C ARG B 242 -24.18 -4.52 3.03
N PRO B 243 -25.01 -5.05 2.12
CA PRO B 243 -24.72 -4.82 0.70
C PRO B 243 -24.86 -3.36 0.27
N ILE B 244 -25.68 -2.56 0.93
CA ILE B 244 -25.70 -1.12 0.62
C ILE B 244 -24.33 -0.50 0.94
N VAL B 245 -23.77 -0.81 2.11
CA VAL B 245 -22.42 -0.36 2.43
C VAL B 245 -21.42 -0.94 1.42
N ALA B 246 -21.69 -2.13 0.88
CA ALA B 246 -20.78 -2.73 -0.09
C ALA B 246 -20.76 -2.00 -1.42
N ILE B 247 -21.74 -1.12 -1.69
CA ILE B 247 -21.70 -0.36 -2.95
C ILE B 247 -20.45 0.50 -3.03
N SER B 248 -19.81 0.76 -1.87
CA SER B 248 -18.49 1.41 -1.83
C SER B 248 -17.56 0.95 -2.93
N TYR B 249 -17.44 -0.37 -3.16
CA TYR B 249 -16.47 -0.86 -4.15
C TYR B 249 -16.78 -0.36 -5.55
N PHE B 250 -18.06 -0.44 -5.97
CA PHE B 250 -18.46 0.01 -7.31
C PHE B 250 -18.32 1.52 -7.45
N LEU B 251 -18.64 2.27 -6.39
CA LEU B 251 -18.40 3.71 -6.40
C LEU B 251 -16.93 4.02 -6.66
N VAL B 252 -16.02 3.29 -6.01
CA VAL B 252 -14.58 3.52 -6.23
C VAL B 252 -14.18 3.11 -7.63
N PHE B 253 -14.75 2.01 -8.14
CA PHE B 253 -14.38 1.59 -9.49
C PHE B 253 -14.90 2.59 -10.54
N SER B 254 -16.05 3.21 -10.27
CA SER B 254 -16.53 4.29 -11.14
C SER B 254 -15.51 5.40 -11.24
N ALA B 255 -15.00 5.84 -10.08
CA ALA B 255 -14.00 6.91 -10.09
C ALA B 255 -12.77 6.49 -10.87
N LEU B 256 -12.24 5.30 -10.57
CA LEU B 256 -11.07 4.77 -11.29
C LEU B 256 -11.32 4.74 -12.78
N ALA B 257 -12.53 4.34 -13.19
CA ALA B 257 -12.87 4.30 -14.60
C ALA B 257 -12.81 5.68 -15.22
N LEU B 258 -13.33 6.70 -14.51
CA LEU B 258 -13.21 8.08 -14.99
C LEU B 258 -11.76 8.53 -15.08
N HIS B 259 -10.93 8.15 -14.11
CA HIS B 259 -9.54 8.58 -14.12
C HIS B 259 -8.75 7.90 -15.23
N GLU B 260 -9.04 6.63 -15.51
CA GLU B 260 -8.26 5.82 -16.45
C GLU B 260 -8.82 5.85 -17.86
N HIS B 261 -10.06 6.31 -18.04
CA HIS B 261 -10.61 6.55 -19.37
C HIS B 261 -11.19 7.96 -19.41
N PRO B 262 -10.32 8.97 -19.27
CA PRO B 262 -10.77 10.36 -19.18
C PRO B 262 -11.60 10.85 -20.35
N LYS B 263 -11.51 10.24 -21.55
CA LYS B 263 -12.33 10.70 -22.65
C LYS B 263 -13.83 10.66 -22.32
N TYR B 264 -14.24 9.89 -21.30
CA TYR B 264 -15.66 9.78 -20.97
C TYR B 264 -16.16 10.86 -20.03
N LYS B 265 -15.30 11.74 -19.50
CA LYS B 265 -15.80 12.80 -18.63
C LYS B 265 -16.58 13.85 -19.42
N GLU B 266 -15.97 14.38 -20.48
CA GLU B 266 -16.71 15.32 -21.33
C GLU B 266 -17.93 14.64 -21.96
N TRP B 267 -17.84 13.33 -22.22
CA TRP B 267 -18.97 12.59 -22.76
C TRP B 267 -20.14 12.62 -21.79
N LEU B 268 -19.88 12.32 -20.51
CA LEU B 268 -20.90 12.44 -19.49
C LEU B 268 -21.28 13.89 -19.26
N ARG B 269 -20.30 14.79 -19.21
CA ARG B 269 -20.61 16.21 -18.98
C ARG B 269 -21.58 16.73 -20.03
N SER B 270 -21.37 16.38 -21.29
CA SER B 270 -22.22 16.88 -22.36
C SER B 270 -23.52 16.09 -22.54
N GLY B 271 -23.66 14.92 -21.91
CA GLY B 271 -24.81 14.07 -22.12
C GLY B 271 -25.85 14.17 -21.02
N ASN B 272 -26.85 13.28 -21.12
CA ASN B 272 -27.94 13.21 -20.15
C ASN B 272 -27.94 11.90 -19.35
N SER B 273 -29.14 11.41 -19.04
CA SER B 273 -29.23 10.25 -18.15
C SER B 273 -28.89 8.95 -18.86
N ARG B 274 -29.11 8.88 -20.16
CA ARG B 274 -28.74 7.69 -20.92
C ARG B 274 -27.27 7.36 -20.74
N GLU B 275 -26.39 8.37 -20.86
CA GLU B 275 -24.95 8.11 -20.81
C GLU B 275 -24.52 7.62 -19.44
N ARG B 276 -25.03 8.24 -18.36
CA ARG B 276 -24.69 7.80 -17.01
C ARG B 276 -25.07 6.34 -16.79
N GLU B 277 -26.23 5.94 -17.30
CA GLU B 277 -26.65 4.55 -17.17
C GLU B 277 -25.70 3.63 -17.95
N MET B 278 -25.31 4.01 -19.16
CA MET B 278 -24.39 3.16 -19.91
C MET B 278 -23.07 2.98 -19.16
N PHE B 279 -22.50 4.10 -18.69
CA PHE B 279 -21.24 4.09 -17.97
C PHE B 279 -21.33 3.19 -16.73
N VAL B 280 -22.41 3.34 -15.96
CA VAL B 280 -22.60 2.56 -14.74
C VAL B 280 -22.74 1.07 -15.06
N GLN B 281 -23.48 0.73 -16.13
CA GLN B 281 -23.56 -0.67 -16.56
C GLN B 281 -22.18 -1.23 -16.90
N GLU B 282 -21.35 -0.46 -17.60
CA GLU B 282 -20.04 -0.98 -17.96
C GLU B 282 -19.15 -1.17 -16.74
N VAL B 283 -19.25 -0.26 -15.75
CA VAL B 283 -18.51 -0.47 -14.50
C VAL B 283 -18.88 -1.83 -13.91
N ARG B 284 -20.17 -2.18 -13.91
CA ARG B 284 -20.60 -3.44 -13.28
C ARG B 284 -20.19 -4.64 -14.11
N ARG B 285 -20.15 -4.51 -15.44
CA ARG B 285 -19.70 -5.62 -16.27
C ARG B 285 -18.19 -5.78 -16.16
N TYR B 286 -17.46 -4.66 -16.23
CA TYR B 286 -16.03 -4.72 -16.46
C TYR B 286 -15.26 -5.08 -15.19
N TYR B 287 -15.61 -4.51 -14.08
CA TYR B 287 -14.78 -4.67 -12.91
C TYR B 287 -15.20 -5.89 -12.10
N PRO B 288 -14.26 -6.52 -11.40
CA PRO B 288 -14.59 -7.71 -10.59
C PRO B 288 -15.29 -7.34 -9.29
N PHE B 289 -16.24 -8.19 -8.89
CA PHE B 289 -16.81 -8.09 -7.57
C PHE B 289 -17.17 -9.47 -7.04
N ILE B 290 -18.23 -10.11 -7.52
CA ILE B 290 -18.55 -11.48 -7.15
C ILE B 290 -17.95 -12.40 -8.21
N PRO B 291 -17.03 -13.31 -7.85
CA PRO B 291 -16.41 -14.14 -8.89
C PRO B 291 -17.32 -15.25 -9.39
N PHE B 292 -18.11 -15.88 -8.51
CA PHE B 292 -18.84 -17.08 -8.88
C PHE B 292 -19.93 -17.37 -7.85
N LEU B 293 -20.76 -18.37 -8.16
CA LEU B 293 -21.88 -18.78 -7.34
C LEU B 293 -21.90 -20.29 -7.24
N GLY B 294 -22.29 -20.81 -6.06
CA GLY B 294 -22.40 -22.24 -5.84
C GLY B 294 -23.84 -22.71 -5.78
N ALA B 295 -24.06 -23.95 -6.21
CA ALA B 295 -25.34 -24.62 -6.10
C ALA B 295 -25.08 -26.13 -6.03
N LEU B 296 -26.13 -26.91 -5.76
CA LEU B 296 -26.05 -28.37 -5.76
C LEU B 296 -27.04 -28.94 -6.77
N VAL B 297 -26.62 -29.99 -7.47
CA VAL B 297 -27.51 -30.70 -8.38
C VAL B 297 -28.58 -31.39 -7.56
N LYS B 298 -29.86 -31.09 -7.85
CA LYS B 298 -30.91 -31.76 -7.09
C LYS B 298 -31.52 -32.97 -7.80
N LYS B 299 -31.20 -33.20 -9.08
CA LYS B 299 -31.57 -34.45 -9.73
C LYS B 299 -30.61 -34.68 -10.90
N ASP B 300 -30.39 -35.97 -11.22
CA ASP B 300 -29.58 -36.33 -12.38
C ASP B 300 -30.12 -35.65 -13.63
N PHE B 301 -29.22 -35.10 -14.44
CA PHE B 301 -29.61 -34.55 -15.74
C PHE B 301 -28.37 -34.46 -16.61
N VAL B 302 -28.62 -34.31 -17.90
CA VAL B 302 -27.56 -34.22 -18.90
C VAL B 302 -27.68 -32.87 -19.58
N TRP B 303 -26.55 -32.16 -19.66
CA TRP B 303 -26.47 -30.92 -20.41
C TRP B 303 -25.09 -30.86 -21.04
N ASN B 304 -25.04 -30.48 -22.31
CA ASN B 304 -23.77 -30.17 -22.96
C ASN B 304 -22.81 -31.37 -22.94
N ASN B 305 -23.37 -32.57 -23.15
CA ASN B 305 -22.60 -33.82 -23.20
C ASN B 305 -21.90 -34.14 -21.89
N CYS B 306 -22.55 -33.82 -20.76
CA CYS B 306 -22.05 -34.16 -19.43
C CYS B 306 -23.19 -34.60 -18.53
N GLU B 307 -22.94 -35.59 -17.68
CA GLU B 307 -23.95 -36.11 -16.76
C GLU B 307 -23.78 -35.45 -15.39
N PHE B 308 -24.64 -34.47 -15.10
CA PHE B 308 -24.70 -33.83 -13.79
C PHE B 308 -25.42 -34.76 -12.81
N LYS B 309 -24.67 -35.36 -11.88
CA LYS B 309 -25.21 -36.30 -10.92
C LYS B 309 -25.74 -35.58 -9.69
N LYS B 310 -26.84 -36.09 -9.14
CA LYS B 310 -27.44 -35.53 -7.92
C LYS B 310 -26.40 -35.38 -6.81
N GLY B 311 -26.43 -34.23 -6.13
CA GLY B 311 -25.52 -33.96 -5.06
C GLY B 311 -24.16 -33.40 -5.46
N THR B 312 -23.86 -33.34 -6.76
CA THR B 312 -22.63 -32.70 -7.21
C THR B 312 -22.67 -31.20 -6.93
N SER B 313 -21.55 -30.66 -6.48
CA SER B 313 -21.46 -29.21 -6.32
C SER B 313 -21.07 -28.56 -7.64
N VAL B 314 -21.54 -27.33 -7.85
CA VAL B 314 -21.35 -26.63 -9.12
C VAL B 314 -21.04 -25.15 -8.85
N LEU B 315 -20.14 -24.59 -9.65
CA LEU B 315 -19.85 -23.16 -9.63
C LEU B 315 -20.21 -22.55 -10.98
N LEU B 316 -20.90 -21.43 -10.94
CA LEU B 316 -21.22 -20.64 -12.11
C LEU B 316 -20.31 -19.41 -12.10
N ASP B 317 -19.51 -19.26 -13.14
CA ASP B 317 -18.49 -18.22 -13.30
C ASP B 317 -19.12 -16.88 -13.72
N LEU B 318 -19.33 -15.96 -12.75
CA LEU B 318 -19.91 -14.65 -13.11
C LEU B 318 -18.90 -13.78 -13.87
N TYR B 319 -17.68 -13.70 -13.34
CA TYR B 319 -16.68 -12.83 -13.93
C TYR B 319 -16.34 -13.24 -15.37
N GLY B 320 -16.15 -14.53 -15.60
CA GLY B 320 -15.83 -15.00 -16.94
C GLY B 320 -16.95 -14.72 -17.91
N THR B 321 -18.20 -14.95 -17.46
CA THR B 321 -19.34 -14.71 -18.33
C THR B 321 -19.44 -13.24 -18.71
N ASN B 322 -19.16 -12.34 -17.76
CA ASN B 322 -19.18 -10.91 -18.06
C ASN B 322 -18.06 -10.51 -19.02
N HIS B 323 -17.05 -11.36 -19.20
CA HIS B 323 -15.98 -11.06 -20.14
C HIS B 323 -15.93 -12.08 -21.28
N ASP B 324 -17.02 -12.79 -21.53
CA ASP B 324 -17.04 -13.78 -22.60
C ASP B 324 -17.03 -13.10 -23.97
N PRO B 325 -16.05 -13.36 -24.83
CA PRO B 325 -16.03 -12.70 -26.15
C PRO B 325 -17.13 -13.17 -27.10
N ARG B 326 -17.79 -14.30 -26.83
CA ARG B 326 -18.95 -14.68 -27.61
C ARG B 326 -20.12 -13.72 -27.42
N LEU B 327 -20.14 -13.00 -26.29
CA LEU B 327 -21.21 -12.08 -25.95
C LEU B 327 -20.79 -10.62 -26.01
N TRP B 328 -19.50 -10.33 -25.93
CA TRP B 328 -19.02 -8.97 -25.70
C TRP B 328 -17.83 -8.71 -26.60
N ASP B 329 -17.93 -7.71 -27.47
CA ASP B 329 -16.82 -7.36 -28.35
C ASP B 329 -15.76 -6.60 -27.55
N HIS B 330 -14.49 -7.00 -27.71
CA HIS B 330 -13.39 -6.51 -26.88
C HIS B 330 -13.80 -6.55 -25.40
N PRO B 331 -14.02 -7.75 -24.87
CA PRO B 331 -14.60 -7.86 -23.52
C PRO B 331 -13.69 -7.34 -22.43
N ASP B 332 -12.40 -7.16 -22.69
CA ASP B 332 -11.45 -6.70 -21.68
C ASP B 332 -11.09 -5.22 -21.85
N GLU B 333 -11.99 -4.45 -22.41
CA GLU B 333 -11.85 -3.01 -22.52
C GLU B 333 -13.10 -2.36 -21.97
N PHE B 334 -12.93 -1.23 -21.29
CA PHE B 334 -14.04 -0.46 -20.72
C PHE B 334 -14.63 0.44 -21.80
N ARG B 335 -15.77 0.05 -22.38
CA ARG B 335 -16.45 0.83 -23.42
C ARG B 335 -17.93 0.95 -23.14
N PRO B 336 -18.35 1.97 -22.38
CA PRO B 336 -19.78 2.19 -22.14
C PRO B 336 -20.64 2.23 -23.41
N GLU B 337 -20.06 2.68 -24.54
CA GLU B 337 -20.86 2.81 -25.74
C GLU B 337 -21.34 1.47 -26.27
N ARG B 338 -20.78 0.36 -25.77
CA ARG B 338 -21.29 -0.95 -26.15
C ARG B 338 -22.75 -1.12 -25.75
N PHE B 339 -23.22 -0.39 -24.73
CA PHE B 339 -24.60 -0.53 -24.27
C PHE B 339 -25.59 0.34 -25.03
N ALA B 340 -25.11 1.29 -25.84
CA ALA B 340 -25.98 2.05 -26.72
C ALA B 340 -26.63 1.12 -27.73
N GLU B 341 -27.95 1.01 -27.67
CA GLU B 341 -28.71 0.17 -28.59
C GLU B 341 -28.24 -1.29 -28.53
N ARG B 342 -28.06 -1.80 -27.31
CA ARG B 342 -27.78 -3.21 -27.09
C ARG B 342 -29.00 -3.90 -26.49
N GLU B 343 -29.31 -5.08 -27.00
CA GLU B 343 -30.46 -5.84 -26.54
C GLU B 343 -30.33 -6.19 -25.04
N GLU B 344 -31.42 -6.05 -24.30
CA GLU B 344 -31.42 -6.33 -22.87
C GLU B 344 -31.77 -7.79 -22.63
N ASN B 345 -30.98 -8.44 -21.77
CA ASN B 345 -31.00 -9.89 -21.62
C ASN B 345 -30.72 -10.23 -20.16
N LEU B 346 -31.26 -11.38 -19.72
CA LEU B 346 -31.21 -11.81 -18.33
C LEU B 346 -30.00 -12.70 -18.01
N PHE B 347 -29.24 -13.16 -19.00
CA PHE B 347 -28.18 -14.11 -18.74
C PHE B 347 -26.83 -13.75 -19.35
N ASP B 348 -26.76 -12.74 -20.21
CA ASP B 348 -25.48 -12.42 -20.80
C ASP B 348 -24.66 -11.55 -19.88
N MET B 349 -25.30 -10.87 -18.95
CA MET B 349 -24.58 -10.03 -18.01
C MET B 349 -25.12 -10.31 -16.62
N ILE B 350 -24.25 -10.78 -15.74
CA ILE B 350 -24.71 -11.30 -14.44
C ILE B 350 -23.80 -10.90 -13.28
N PRO B 351 -23.29 -9.66 -13.20
CA PRO B 351 -22.50 -9.29 -12.00
C PRO B 351 -23.29 -9.33 -10.71
N GLN B 352 -24.62 -9.33 -10.75
CA GLN B 352 -25.39 -9.53 -9.53
C GLN B 352 -26.41 -10.65 -9.73
N GLY B 353 -26.06 -11.65 -10.53
CA GLY B 353 -26.87 -12.83 -10.75
C GLY B 353 -27.61 -12.78 -12.08
N GLY B 354 -28.22 -13.93 -12.41
CA GLY B 354 -28.92 -14.10 -13.66
C GLY B 354 -30.38 -14.52 -13.45
N GLY B 355 -31.08 -14.63 -14.57
CA GLY B 355 -32.49 -15.01 -14.55
C GLY B 355 -33.36 -13.97 -13.89
N HIS B 356 -34.45 -14.44 -13.28
CA HIS B 356 -35.48 -13.58 -12.68
C HIS B 356 -35.35 -13.56 -11.17
N ALA B 357 -35.40 -12.35 -10.59
CA ALA B 357 -35.25 -12.22 -9.14
C ALA B 357 -36.46 -12.72 -8.36
N GLU B 358 -37.62 -12.80 -9.01
CA GLU B 358 -38.80 -13.31 -8.31
C GLU B 358 -38.98 -14.81 -8.47
N LYS B 359 -38.09 -15.50 -9.21
CA LYS B 359 -38.17 -16.94 -9.42
C LYS B 359 -36.85 -17.62 -9.12
N GLY B 360 -35.96 -16.95 -8.41
CA GLY B 360 -34.59 -17.43 -8.25
C GLY B 360 -33.84 -16.48 -7.36
N HIS B 361 -32.54 -16.67 -7.24
CA HIS B 361 -31.74 -15.98 -6.24
C HIS B 361 -31.08 -14.71 -6.74
N ARG B 362 -31.41 -14.26 -7.96
CA ARG B 362 -30.85 -13.00 -8.46
C ARG B 362 -30.98 -11.88 -7.42
N CYS B 363 -29.97 -11.01 -7.39
CA CYS B 363 -29.91 -9.90 -6.46
C CYS B 363 -31.16 -9.03 -6.55
N PRO B 364 -31.91 -8.87 -5.46
CA PRO B 364 -33.00 -7.88 -5.45
C PRO B 364 -32.51 -6.45 -5.27
N GLY B 365 -31.23 -6.23 -4.88
CA GLY B 365 -30.67 -4.90 -4.76
C GLY B 365 -30.07 -4.32 -6.01
N GLU B 366 -30.29 -4.95 -7.15
CA GLU B 366 -29.69 -4.51 -8.40
C GLU B 366 -30.14 -3.09 -8.75
N GLY B 367 -31.45 -2.83 -8.73
CA GLY B 367 -31.95 -1.48 -9.00
C GLY B 367 -31.42 -0.44 -8.03
N ILE B 368 -31.39 -0.77 -6.72
CA ILE B 368 -30.80 0.13 -5.74
C ILE B 368 -29.35 0.42 -6.11
N THR B 369 -28.59 -0.62 -6.44
CA THR B 369 -27.17 -0.44 -6.77
C THR B 369 -26.98 0.51 -7.96
N ILE B 370 -27.77 0.34 -9.01
CA ILE B 370 -27.59 1.16 -10.21
C ILE B 370 -27.91 2.62 -9.92
N GLU B 371 -28.98 2.87 -9.16
CA GLU B 371 -29.39 4.25 -8.93
C GLU B 371 -28.41 4.96 -7.98
N VAL B 372 -27.88 4.24 -6.99
CA VAL B 372 -26.88 4.85 -6.11
C VAL B 372 -25.60 5.18 -6.91
N MET B 373 -25.22 4.31 -7.85
CA MET B 373 -24.04 4.58 -8.68
C MET B 373 -24.29 5.75 -9.64
N LYS B 374 -25.49 5.83 -10.20
CA LYS B 374 -25.79 6.97 -11.09
C LYS B 374 -25.69 8.30 -10.35
N ALA B 375 -26.28 8.39 -9.16
CA ALA B 375 -26.23 9.64 -8.39
C ALA B 375 -24.80 9.97 -7.96
N SER B 376 -24.02 8.94 -7.63
CA SER B 376 -22.65 9.21 -7.19
C SER B 376 -21.77 9.60 -8.36
N LEU B 377 -21.95 8.91 -9.50
CA LEU B 377 -21.27 9.32 -10.72
C LEU B 377 -21.61 10.77 -11.07
N ASP B 378 -22.90 11.11 -10.99
CA ASP B 378 -23.34 12.44 -11.36
C ASP B 378 -22.66 13.48 -10.48
N PHE B 379 -22.53 13.19 -9.19
CA PHE B 379 -21.85 14.09 -8.26
C PHE B 379 -20.40 14.30 -8.68
N LEU B 380 -19.68 13.21 -8.96
CA LEU B 380 -18.27 13.30 -9.32
C LEU B 380 -18.06 14.09 -10.60
N VAL B 381 -18.99 14.00 -11.55
CA VAL B 381 -18.80 14.63 -12.84
C VAL B 381 -19.24 16.10 -12.86
N HIS B 382 -20.31 16.46 -12.14
CA HIS B 382 -20.85 17.82 -12.22
C HIS B 382 -20.61 18.68 -10.98
N GLN B 383 -20.46 18.11 -9.79
CA GLN B 383 -20.50 18.92 -8.57
C GLN B 383 -19.15 19.42 -8.08
N ILE B 384 -18.08 18.63 -8.22
CA ILE B 384 -16.76 19.03 -7.75
C ILE B 384 -15.75 18.90 -8.90
N GLU B 385 -14.58 19.49 -8.67
CA GLU B 385 -13.34 19.21 -9.37
C GLU B 385 -12.33 18.68 -8.37
N TYR B 386 -11.38 17.87 -8.83
CA TYR B 386 -10.41 17.25 -7.93
C TYR B 386 -9.26 16.69 -8.74
N ASP B 387 -8.12 16.52 -8.08
CA ASP B 387 -6.94 15.85 -8.61
C ASP B 387 -6.86 14.40 -8.10
N VAL B 388 -5.99 13.64 -8.75
CA VAL B 388 -5.70 12.26 -8.37
C VAL B 388 -4.18 12.13 -8.23
N PRO B 389 -3.65 12.28 -7.03
CA PRO B 389 -2.20 12.33 -6.87
C PRO B 389 -1.57 10.94 -6.98
N GLU B 390 -0.24 10.94 -6.99
CA GLU B 390 0.52 9.69 -7.04
C GLU B 390 0.09 8.74 -5.93
N GLN B 391 -0.28 7.54 -6.33
CA GLN B 391 -0.83 6.55 -5.41
C GLN B 391 -0.87 5.24 -6.17
N SER B 392 -1.03 4.15 -5.43
CA SER B 392 -1.11 2.83 -6.06
C SER B 392 -2.58 2.53 -6.35
N LEU B 393 -2.93 2.54 -7.64
CA LEU B 393 -4.29 2.25 -8.09
C LEU B 393 -4.46 0.82 -8.58
N HIS B 394 -3.44 0.00 -8.44
CA HIS B 394 -3.53 -1.41 -8.81
C HIS B 394 -4.64 -2.10 -8.00
N TYR B 395 -5.36 -3.01 -8.65
CA TYR B 395 -6.30 -3.88 -7.97
C TYR B 395 -6.07 -5.31 -8.45
N SER B 396 -5.98 -6.25 -7.51
CA SER B 396 -5.58 -7.60 -7.84
C SER B 396 -6.80 -8.44 -8.18
N LEU B 397 -6.66 -9.25 -9.23
CA LEU B 397 -7.68 -10.23 -9.58
C LEU B 397 -7.63 -11.46 -8.69
N ALA B 398 -6.61 -11.58 -7.82
CA ALA B 398 -6.62 -12.64 -6.81
C ALA B 398 -7.27 -12.22 -5.50
N ARG B 399 -7.40 -10.92 -5.25
CA ARG B 399 -8.02 -10.46 -4.02
C ARG B 399 -9.53 -10.41 -4.22
N MET B 400 -10.27 -11.10 -3.37
CA MET B 400 -11.72 -11.21 -3.48
C MET B 400 -12.37 -10.71 -2.19
N PRO B 401 -13.06 -9.56 -2.20
CA PRO B 401 -13.19 -8.76 -3.43
C PRO B 401 -11.96 -7.90 -3.67
N SER B 402 -11.94 -7.27 -4.83
CA SER B 402 -10.83 -6.43 -5.27
C SER B 402 -11.20 -4.95 -5.16
N LEU B 403 -10.15 -4.12 -5.10
CA LEU B 403 -10.25 -2.68 -4.89
C LEU B 403 -8.91 -2.07 -5.23
N PRO B 404 -8.86 -0.92 -5.91
CA PRO B 404 -7.59 -0.18 -6.03
C PRO B 404 -6.99 0.03 -4.65
N GLU B 405 -5.69 -0.30 -4.52
CA GLU B 405 -5.04 -0.40 -3.22
C GLU B 405 -5.22 0.84 -2.36
N SER B 406 -5.04 2.02 -2.95
CA SER B 406 -5.06 3.26 -2.17
C SER B 406 -6.44 3.59 -1.60
N GLY B 407 -7.52 3.02 -2.13
CA GLY B 407 -8.87 3.48 -1.79
C GLY B 407 -9.37 4.61 -2.68
N PHE B 408 -8.56 5.04 -3.65
CA PHE B 408 -8.76 6.17 -4.54
C PHE B 408 -8.73 7.48 -3.76
N VAL B 409 -7.54 8.08 -3.69
CA VAL B 409 -7.32 9.32 -2.96
C VAL B 409 -7.55 10.50 -3.89
N MET B 410 -8.39 11.43 -3.46
CA MET B 410 -8.65 12.66 -4.19
C MET B 410 -8.10 13.83 -3.37
N SER B 411 -7.60 14.86 -4.07
CA SER B 411 -7.06 16.04 -3.40
C SER B 411 -7.48 17.28 -4.18
N GLY B 412 -7.14 18.45 -3.66
CA GLY B 412 -7.51 19.70 -4.31
C GLY B 412 -8.99 19.82 -4.62
N ILE B 413 -9.86 19.28 -3.76
CA ILE B 413 -11.27 19.22 -4.06
C ILE B 413 -11.88 20.62 -3.97
N ARG B 414 -12.69 20.98 -4.97
CA ARG B 414 -13.31 22.31 -5.05
C ARG B 414 -14.72 22.21 -5.60
N ARG B 415 -15.62 23.01 -5.03
CA ARG B 415 -17.00 23.09 -5.51
C ARG B 415 -17.05 23.64 -6.93
N LYS B 416 -17.86 23.03 -7.76
CA LYS B 416 -17.95 23.44 -9.16
C LYS B 416 -19.00 24.54 -9.34
CHA HEM C . 27.71 12.29 6.14
CHB HEM C . 25.16 9.63 2.99
CHC HEM C . 25.61 5.83 5.96
CHD HEM C . 27.90 8.56 9.26
C1A HEM C . 27.00 11.90 5.02
C2A HEM C . 26.71 12.73 3.86
C3A HEM C . 26.02 11.99 2.98
C4A HEM C . 25.84 10.68 3.55
CMA HEM C . 25.47 12.44 1.61
CAA HEM C . 27.16 14.22 3.74
CBA HEM C . 28.15 14.50 2.63
CGA HEM C . 28.60 15.94 2.76
O1A HEM C . 29.38 16.42 1.89
O2A HEM C . 28.19 16.63 3.75
C1B HEM C . 24.94 8.40 3.57
C2B HEM C . 24.00 7.37 3.13
C3B HEM C . 24.12 6.32 3.93
C4B HEM C . 25.15 6.63 4.93
CMB HEM C . 23.03 7.46 1.94
CAB HEM C . 23.27 5.04 3.77
CBB HEM C . 23.14 4.11 4.74
C1C HEM C . 26.35 6.21 7.07
C2C HEM C . 26.85 5.32 8.10
C3C HEM C . 27.48 6.07 9.03
C4C HEM C . 27.39 7.46 8.61
CMC HEM C . 26.64 3.79 8.06
CAC HEM C . 28.19 5.62 10.33
CBC HEM C . 28.44 4.35 10.66
C1D HEM C . 28.01 9.83 8.73
C2D HEM C . 28.51 11.03 9.40
C3D HEM C . 28.45 12.05 8.54
C4D HEM C . 27.92 11.55 7.29
CMD HEM C . 29.02 11.08 10.85
CAD HEM C . 28.89 13.52 8.80
CBD HEM C . 30.20 13.77 8.02
CGD HEM C . 30.77 15.17 8.18
O1D HEM C . 32.02 15.30 8.20
O2D HEM C . 29.98 16.15 8.28
NA HEM C . 26.45 10.65 4.79
NB HEM C . 25.61 7.91 4.66
NC HEM C . 26.71 7.50 7.41
ND HEM C . 27.67 10.19 7.44
FE HEM C . 26.62 9.05 6.04
C1 PAM D . 20.81 9.47 7.56
O1 PAM D . 20.66 9.31 6.33
O2 PAM D . 19.88 9.71 8.34
C2 PAM D . 22.21 9.40 8.13
C3 PAM D . 23.27 9.32 7.07
C4 PAM D . 24.43 10.28 7.33
C5 PAM D . 24.08 11.74 7.16
C6 PAM D . 23.63 12.13 5.77
C7 PAM D . 23.19 13.58 5.64
C8 PAM D . 22.76 13.97 4.27
C9 PAM D . 21.96 15.22 4.22
C10 PAM D . 22.31 16.40 4.67
C11 PAM D . 21.49 17.64 4.45
C12 PAM D . 20.29 17.39 3.58
C13 PAM D . 19.38 18.60 3.45
C14 PAM D . 20.09 19.85 2.96
C15 PAM D . 19.19 21.06 2.81
C16 PAM D . 19.95 22.32 2.43
C1 PEG E . 16.84 16.06 3.37
O1 PEG E . 16.13 17.13 2.72
C2 PEG E . 16.15 14.74 3.16
O2 PEG E . 17.10 13.68 3.24
C3 PEG E . 16.60 12.49 3.84
C4 PEG E . 17.59 11.37 3.72
O4 PEG E . 18.32 11.15 4.93
C1 PEG F . 18.51 30.26 -15.55
O1 PEG F . 18.34 30.91 -14.30
C2 PEG F . 19.96 30.08 -15.88
O2 PEG F . 20.70 31.17 -15.36
C3 PEG F . 22.09 30.89 -15.22
C4 PEG F . 22.82 32.15 -14.83
O4 PEG F . 22.92 32.28 -13.41
CHA HEM G . -28.00 -11.81 -3.86
CHB HEM G . -24.50 -9.29 -6.02
CHC HEM G . -25.85 -5.22 -3.77
CHD HEM G . -29.26 -7.74 -1.55
C1A HEM G . -26.92 -11.50 -4.66
C2A HEM G . -26.20 -12.41 -5.55
C3A HEM G . -25.24 -11.69 -6.13
C4A HEM G . -25.33 -10.33 -5.65
CMA HEM G . -24.19 -12.18 -7.13
CAA HEM G . -26.47 -13.93 -5.72
CBA HEM G . -27.14 -14.32 -7.05
CGA HEM G . -27.65 -15.75 -6.93
O1A HEM G . -28.29 -16.28 -7.88
O2A HEM G . -27.43 -16.40 -5.88
C1B HEM G . -24.50 -8.02 -5.51
C2B HEM G . -23.43 -7.05 -5.66
C3B HEM G . -23.78 -5.94 -5.03
C4B HEM G . -25.09 -6.14 -4.45
CMB HEM G . -22.11 -7.27 -6.41
CAB HEM G . -22.91 -4.67 -4.96
CBB HEM G . -23.00 -3.79 -3.95
C1C HEM G . -26.98 -5.51 -3.06
C2C HEM G . -27.84 -4.55 -2.38
C3C HEM G . -28.79 -5.26 -1.73
C4C HEM G . -28.54 -6.68 -2.01
CMC HEM G . -27.63 -3.02 -2.42
CAC HEM G . -29.97 -4.75 -0.86
CBC HEM G . -30.30 -3.46 -0.64
C1D HEM G . -29.18 -9.06 -1.94
C2D HEM G . -29.98 -10.15 -1.38
C3D HEM G . -29.63 -11.28 -2.00
C4D HEM G . -28.61 -10.95 -2.99
CMD HEM G . -31.02 -10.00 -0.24
CAD HEM G . -30.22 -12.68 -1.78
CBD HEM G . -31.23 -12.95 -2.91
CGD HEM G . -31.71 -14.39 -2.85
O1D HEM G . -32.82 -14.74 -3.33
O2D HEM G . -31.00 -15.23 -2.29
NA HEM G . -26.37 -10.25 -4.76
NB HEM G . -25.49 -7.44 -4.75
NC HEM G . -27.44 -6.79 -2.83
ND HEM G . -28.35 -9.59 -2.91
FE HEM G . -27.01 -8.49 -3.89
C1 PAM H . -22.93 -8.25 0.07
O1 PAM H . -22.14 -7.72 0.86
O2 PAM H . -24.01 -8.78 0.44
C2 PAM H . -22.56 -8.30 -1.40
C3 PAM H . -23.75 -8.54 -2.32
C4 PAM H . -24.41 -9.92 -2.18
C5 PAM H . -23.53 -11.08 -2.64
C6 PAM H . -24.18 -12.44 -2.51
C7 PAM H . -23.29 -13.58 -3.01
C8 PAM H . -23.71 -14.95 -2.61
C9 PAM H . -22.52 -15.79 -2.22
C10 PAM H . -21.35 -15.89 -2.86
C11 PAM H . -20.03 -16.11 -2.19
C12 PAM H . -19.25 -17.29 -2.71
C13 PAM H . -20.04 -18.58 -2.72
C14 PAM H . -19.26 -19.79 -3.17
C15 PAM H . -20.11 -21.03 -3.15
C16 PAM H . -19.33 -22.30 -3.32
C1 PEG I . -46.20 -6.45 4.76
O1 PEG I . -47.46 -7.08 4.60
C2 PEG I . -45.42 -6.38 3.47
O2 PEG I . -45.20 -7.68 2.92
C3 PEG I . -44.41 -7.66 1.73
C4 PEG I . -44.23 -9.06 1.20
O4 PEG I . -43.43 -9.86 2.07
C1 PEG J . -18.59 -10.65 -1.34
O1 PEG J . -19.55 -9.59 -1.51
C2 PEG J . -17.60 -10.76 -2.48
O2 PEG J . -16.65 -11.82 -2.26
C3 PEG J . -17.18 -13.14 -2.37
C4 PEG J . -16.05 -14.14 -2.37
O4 PEG J . -16.51 -15.49 -2.25
C1 PEG K . -40.50 4.72 -0.37
O1 PEG K . -40.23 6.11 -0.41
C2 PEG K . -40.28 4.19 1.00
O2 PEG K . -41.51 3.81 1.60
C3 PEG K . -41.39 3.67 3.02
C4 PEG K . -42.42 4.47 3.77
O4 PEG K . -41.82 5.39 4.68
C1 PEG L . -37.11 -10.04 -19.11
O1 PEG L . -38.46 -10.49 -19.14
C2 PEG L . -36.62 -9.63 -20.46
O2 PEG L . -35.26 -9.18 -20.37
C3 PEG L . -35.04 -8.20 -19.36
C4 PEG L . -33.58 -7.86 -19.32
O4 PEG L . -33.17 -7.39 -18.03
#